data_3PZ3
#
_entry.id   3PZ3
#
_cell.length_a   66.732
_cell.length_b   91.332
_cell.length_c   114.652
_cell.angle_alpha   90.00
_cell.angle_beta   90.00
_cell.angle_gamma   90.00
#
_symmetry.space_group_name_H-M   'P 21 21 21'
#
loop_
_entity.id
_entity.type
_entity.pdbx_description
1 polymer 'Geranylgeranyl transferase type-2 subunit alpha'
2 polymer 'Geranylgeranyl transferase type-2 subunit beta'
3 non-polymer 'ZINC ION'
4 non-polymer 'CALCIUM ION'
5 non-polymer '4-({(3R)-7-(5-formylfuran-2-yl)-4-[(4-methoxyphenyl)sulfonyl]-1-[(1-methyl-1H-imidazol-5-yl)methyl]-2,3,4,5-tetrahydro-1H-1,4-benzodiazepin-3-yl}methyl)phenyl benzylcarbamate'
6 water water
#
loop_
_entity_poly.entity_id
_entity_poly.type
_entity_poly.pdbx_seq_one_letter_code
_entity_poly.pdbx_strand_id
1 'polypeptide(L)'
;GHMHGRLKVKTSEEQAEAKRLEREQKLKLYQSATQAVFQKRQAGELDESVLELTSQILGANPDFATLWNCRREVLQHLET
EKSPEESAALVKAELGFLESCLRVNPKSYGTWHHRCWLLSRLPEPNWARELELCARFLEADERNFHCWDYRRFVAAQAAV
APAEELAFTDSLITRNFSNYSSWHYRSCLLPQLHPQPDSGPQGRLPENVLLKELELVQNAFFTDPNDQSAWFYHRWLLGA
GSGRCELSVEKSTVLQSELESCKELQELEPENKWCLLTIILLMRALDPLLYEKETLQYFSTLKAVDPMRAAYLDDLRSKF
LLENSVLKMEYA
;
A
2 'polypeptide(L)'
;GTQQKDVTIKSDAPDTLLLEKHADYIASYGSKKDDYEYCMSEYLRMSGVYWGLTVMDLMGQLHRMNKEEILVFIKSCQHE
CGGVSASIGHDPHLLYTLSAVQILTLYDSIHVINVDKVVAYVQSLQKEDGSFAGDIWGEIDTRFSFCAVATLALLGKLDA
INVEKAIEFVLSCMNFDGGFGCRPGSESHAGQIYCCTGFLAITSQLHQVNSDLLGWWLCERQLPSGGLNGRPEKLPDVCY
SWWVLASLKIIGRLHWIDREKLRSFILACQDEETGGFADRPGDMVDPFHTLFGIAGLSLLGEEQIKPVSPVFCMPEEVLQ
RVNVQPELVS
;
B
#
loop_
_chem_comp.id
_chem_comp.type
_chem_comp.name
_chem_comp.formula
CA non-polymer 'CALCIUM ION' 'Ca 2'
PZ3 non-polymer '4-({(3R)-7-(5-formylfuran-2-yl)-4-[(4-methoxyphenyl)sulfonyl]-1-[(1-methyl-1H-imidazol-5-yl)methyl]-2,3,4,5-tetrahydro-1H-1,4-benzodiazepin-3-yl}methyl)phenyl benzylcarbamate' 'C41 H39 N5 O7 S'
ZN non-polymer 'ZINC ION' 'Zn 2'
#
# COMPACT_ATOMS: atom_id res chain seq x y z
N LYS A 19 23.41 20.87 17.53
CA LYS A 19 22.68 19.92 16.64
C LYS A 19 21.38 19.46 17.30
N ARG A 20 21.51 18.88 18.50
CA ARG A 20 20.35 18.47 19.31
C ARG A 20 19.99 19.56 20.33
N LEU A 21 20.12 20.82 19.91
CA LEU A 21 19.71 21.98 20.71
C LEU A 21 18.82 22.89 19.88
N GLU A 22 19.27 23.21 18.66
CA GLU A 22 18.52 24.03 17.70
C GLU A 22 17.14 23.45 17.37
N ARG A 23 17.03 22.12 17.31
CA ARG A 23 15.75 21.47 17.05
C ARG A 23 14.76 21.65 18.21
N GLU A 24 15.28 21.87 19.42
CA GLU A 24 14.44 22.30 20.53
C GLU A 24 13.87 23.70 20.26
N GLN A 25 14.63 24.50 19.51
CA GLN A 25 14.18 25.82 19.07
C GLN A 25 13.33 25.75 17.81
N LYS A 26 13.63 24.78 16.92
CA LYS A 26 12.77 24.53 15.75
C LYS A 26 11.42 23.99 16.18
N LEU A 27 11.43 23.14 17.21
CA LEU A 27 10.21 22.65 17.85
C LEU A 27 9.43 23.82 18.44
N LYS A 28 10.13 24.76 19.05
CA LYS A 28 9.52 25.96 19.63
C LYS A 28 8.77 26.78 18.58
N LEU A 29 9.38 26.91 17.40
CA LEU A 29 8.78 27.66 16.29
C LEU A 29 7.57 26.90 15.69
N TYR A 30 7.74 25.60 15.47
CA TYR A 30 6.65 24.72 15.04
C TYR A 30 5.46 24.83 15.99
N GLN A 31 5.74 24.78 17.29
CA GLN A 31 4.71 24.73 18.33
C GLN A 31 3.87 26.01 18.36
N SER A 32 4.53 27.16 18.34
CA SER A 32 3.85 28.46 18.41
C SER A 32 3.13 28.81 17.10
N ALA A 33 3.75 28.52 15.97
CA ALA A 33 3.09 28.65 14.67
C ALA A 33 1.79 27.82 14.63
N THR A 34 1.90 26.56 15.03
CA THR A 34 0.74 25.66 15.14
C THR A 34 -0.35 26.22 16.07
N GLN A 35 0.04 26.64 17.27
CA GLN A 35 -0.86 27.37 18.19
C GLN A 35 -1.55 28.52 17.48
N ALA A 36 -0.74 29.34 16.82
CA ALA A 36 -1.20 30.53 16.12
C ALA A 36 -2.27 30.21 15.09
N VAL A 37 -1.99 29.22 14.24
CA VAL A 37 -2.93 28.83 13.18
C VAL A 37 -4.29 28.42 13.76
N PHE A 38 -4.24 27.62 14.82
CA PHE A 38 -5.48 27.12 15.44
C PHE A 38 -6.26 28.26 16.09
N GLN A 39 -5.56 29.14 16.80
CA GLN A 39 -6.24 30.31 17.37
C GLN A 39 -6.94 31.13 16.26
N LYS A 40 -6.21 31.44 15.18
CA LYS A 40 -6.78 32.21 14.07
C LYS A 40 -8.00 31.53 13.45
N ARG A 41 -7.95 30.21 13.37
CA ARG A 41 -9.03 29.45 12.76
C ARG A 41 -10.30 29.49 13.60
N GLN A 42 -10.14 29.36 14.92
CA GLN A 42 -11.27 29.49 15.85
C GLN A 42 -11.88 30.90 15.77
N ALA A 43 -11.04 31.90 15.50
CA ALA A 43 -11.48 33.29 15.39
C ALA A 43 -12.20 33.65 14.08
N GLY A 44 -12.23 32.73 13.12
CA GLY A 44 -12.77 33.01 11.79
C GLY A 44 -11.85 33.87 10.93
N GLU A 45 -10.58 33.95 11.31
CA GLU A 45 -9.61 34.75 10.58
C GLU A 45 -9.00 33.95 9.42
N LEU A 46 -9.79 33.74 8.37
CA LEU A 46 -9.32 33.05 7.17
C LEU A 46 -8.56 34.05 6.29
N ASP A 47 -7.29 34.29 6.60
CA ASP A 47 -6.50 35.30 5.88
C ASP A 47 -5.08 34.83 5.55
N GLU A 48 -4.34 35.69 4.85
CA GLU A 48 -3.00 35.39 4.35
C GLU A 48 -1.98 35.08 5.43
N SER A 49 -2.25 35.52 6.66
CA SER A 49 -1.35 35.22 7.76
C SER A 49 -1.32 33.72 8.09
N VAL A 50 -2.44 33.05 7.83
CA VAL A 50 -2.53 31.59 8.02
C VAL A 50 -1.74 30.87 6.93
N LEU A 51 -1.82 31.39 5.70
CA LEU A 51 -0.97 30.88 4.61
C LEU A 51 0.52 31.04 4.95
N GLU A 52 0.88 32.19 5.50
CA GLU A 52 2.23 32.41 6.01
C GLU A 52 2.64 31.38 7.07
N LEU A 53 1.84 31.24 8.11
CA LEU A 53 2.14 30.30 9.19
C LEU A 53 2.20 28.85 8.69
N THR A 54 1.21 28.45 7.90
CA THR A 54 1.18 27.07 7.41
C THR A 54 2.36 26.75 6.48
N SER A 55 2.82 27.72 5.69
CA SER A 55 3.96 27.47 4.80
C SER A 55 5.20 27.11 5.59
N GLN A 56 5.31 27.68 6.79
CA GLN A 56 6.46 27.46 7.68
C GLN A 56 6.43 26.09 8.36
N ILE A 57 5.29 25.42 8.34
CA ILE A 57 5.13 24.10 8.99
C ILE A 57 5.04 22.98 7.96
N LEU A 58 4.32 23.22 6.87
CA LEU A 58 4.05 22.19 5.85
C LEU A 58 5.27 21.82 5.00
N GLY A 59 6.25 22.72 4.94
CA GLY A 59 7.50 22.45 4.25
C GLY A 59 8.27 21.27 4.84
N ALA A 60 8.38 21.26 6.16
CA ALA A 60 9.05 20.22 6.91
C ALA A 60 8.10 19.08 7.28
N ASN A 61 6.82 19.40 7.40
CA ASN A 61 5.84 18.50 7.96
C ASN A 61 4.58 18.40 7.10
N PRO A 62 4.72 17.93 5.86
CA PRO A 62 3.60 17.88 4.91
C PRO A 62 2.52 16.84 5.22
N ASP A 63 2.75 15.96 6.18
CA ASP A 63 1.74 14.98 6.56
C ASP A 63 0.79 15.52 7.63
N PHE A 64 0.98 16.78 8.03
CA PHE A 64 0.04 17.46 8.94
C PHE A 64 -1.20 17.90 8.13
N ALA A 65 -2.11 16.94 7.93
CA ALA A 65 -3.30 17.08 7.08
C ALA A 65 -4.19 18.26 7.39
N THR A 66 -4.37 18.55 8.67
CA THR A 66 -5.28 19.61 9.07
C THR A 66 -4.82 20.95 8.53
N LEU A 67 -3.51 21.17 8.46
CA LEU A 67 -2.97 22.42 7.92
C LEU A 67 -3.22 22.60 6.41
N TRP A 68 -3.16 21.52 5.62
CA TRP A 68 -3.62 21.56 4.23
C TRP A 68 -5.09 21.96 4.13
N ASN A 69 -5.91 21.47 5.07
CA ASN A 69 -7.34 21.82 5.11
C ASN A 69 -7.54 23.31 5.38
N CYS A 70 -6.77 23.84 6.34
CA CYS A 70 -6.76 25.28 6.61
C CYS A 70 -6.36 26.10 5.39
N ARG A 71 -5.36 25.65 4.64
CA ARG A 71 -4.96 26.37 3.44
C ARG A 71 -6.12 26.42 2.47
N ARG A 72 -6.77 25.28 2.26
CA ARG A 72 -7.94 25.24 1.38
C ARG A 72 -9.08 26.13 1.85
N GLU A 73 -9.33 26.13 3.15
CA GLU A 73 -10.41 26.98 3.70
C GLU A 73 -10.12 28.46 3.48
N VAL A 74 -8.87 28.86 3.69
CA VAL A 74 -8.45 30.23 3.43
C VAL A 74 -8.63 30.56 1.95
N LEU A 75 -8.11 29.70 1.07
CA LEU A 75 -8.16 29.97 -0.37
C LEU A 75 -9.60 30.06 -0.87
N GLN A 76 -10.44 29.14 -0.40
CA GLN A 76 -11.88 29.22 -0.68
C GLN A 76 -12.50 30.55 -0.23
N HIS A 77 -12.21 30.94 1.01
CA HIS A 77 -12.75 32.19 1.55
C HIS A 77 -12.30 33.42 0.75
N LEU A 78 -10.99 33.54 0.57
CA LEU A 78 -10.40 34.66 -0.15
C LEU A 78 -10.97 34.85 -1.56
N GLU A 79 -11.29 33.77 -2.26
CA GLU A 79 -11.83 33.89 -3.62
C GLU A 79 -13.24 34.53 -3.63
N THR A 80 -13.89 34.57 -2.48
CA THR A 80 -15.19 35.23 -2.36
C THR A 80 -15.02 36.76 -2.32
N GLU A 81 -13.95 37.22 -1.69
CA GLU A 81 -13.76 38.67 -1.46
C GLU A 81 -12.48 39.23 -2.06
N LYS A 82 -12.09 38.69 -3.22
CA LYS A 82 -10.95 39.19 -3.98
C LYS A 82 -11.31 39.13 -5.45
N SER A 83 -10.59 39.91 -6.26
CA SER A 83 -10.87 39.99 -7.69
C SER A 83 -10.36 38.74 -8.41
N PRO A 84 -10.88 38.48 -9.62
CA PRO A 84 -10.32 37.42 -10.47
C PRO A 84 -8.80 37.49 -10.56
N GLU A 85 -8.27 38.71 -10.71
CA GLU A 85 -6.83 38.95 -10.79
C GLU A 85 -6.07 38.57 -9.51
N GLU A 86 -6.59 38.99 -8.37
CA GLU A 86 -5.97 38.69 -7.07
C GLU A 86 -6.08 37.19 -6.72
N SER A 87 -7.17 36.56 -7.14
CA SER A 87 -7.39 35.13 -6.93
C SER A 87 -6.48 34.30 -7.85
N ALA A 88 -6.31 34.79 -9.07
CA ALA A 88 -5.40 34.17 -10.03
C ALA A 88 -3.97 34.19 -9.50
N ALA A 89 -3.60 35.28 -8.82
CA ALA A 89 -2.27 35.44 -8.24
C ALA A 89 -2.05 34.51 -7.06
N LEU A 90 -3.07 34.34 -6.23
CA LEU A 90 -3.02 33.39 -5.11
C LEU A 90 -2.86 31.95 -5.58
N VAL A 91 -3.53 31.60 -6.67
CA VAL A 91 -3.43 30.26 -7.26
C VAL A 91 -2.00 29.99 -7.75
N LYS A 92 -1.41 30.95 -8.46
CA LYS A 92 -0.03 30.80 -8.94
C LYS A 92 0.97 30.72 -7.78
N ALA A 93 0.75 31.49 -6.72
CA ALA A 93 1.60 31.41 -5.53
C ALA A 93 1.46 30.04 -4.85
N GLU A 94 0.26 29.47 -4.91
CA GLU A 94 0.01 28.13 -4.36
C GLU A 94 0.71 27.05 -5.15
N LEU A 95 0.76 27.19 -6.47
CA LEU A 95 1.45 26.23 -7.32
C LEU A 95 2.94 26.19 -7.05
N GLY A 96 3.52 27.36 -6.79
CA GLY A 96 4.95 27.47 -6.48
C GLY A 96 5.27 26.90 -5.12
N PHE A 97 4.43 27.21 -4.15
CA PHE A 97 4.56 26.66 -2.82
C PHE A 97 4.51 25.13 -2.87
N LEU A 98 3.51 24.60 -3.58
CA LEU A 98 3.35 23.16 -3.74
C LEU A 98 4.58 22.51 -4.36
N GLU A 99 5.11 23.13 -5.40
CA GLU A 99 6.29 22.59 -6.08
C GLU A 99 7.53 22.62 -5.20
N SER A 100 7.69 23.68 -4.40
CA SER A 100 8.79 23.71 -3.42
C SER A 100 8.63 22.62 -2.35
N CYS A 101 7.41 22.38 -1.89
CA CYS A 101 7.14 21.28 -0.97
C CYS A 101 7.50 19.91 -1.55
N LEU A 102 7.16 19.68 -2.81
CA LEU A 102 7.39 18.39 -3.47
C LEU A 102 8.87 18.13 -3.71
N ARG A 103 9.63 19.20 -3.92
CA ARG A 103 11.08 19.10 -4.04
C ARG A 103 11.69 18.58 -2.74
N VAL A 104 11.12 18.96 -1.60
CA VAL A 104 11.64 18.54 -0.30
C VAL A 104 11.14 17.14 0.08
N ASN A 105 9.84 16.89 -0.17
CA ASN A 105 9.22 15.58 0.04
C ASN A 105 8.26 15.18 -1.06
N PRO A 106 8.75 14.46 -2.08
CA PRO A 106 7.89 14.04 -3.19
C PRO A 106 6.96 12.86 -2.90
N LYS A 107 6.93 12.37 -1.66
CA LYS A 107 6.15 11.17 -1.34
C LYS A 107 5.09 11.42 -0.27
N SER A 108 4.54 12.62 -0.20
CA SER A 108 3.53 12.94 0.78
C SER A 108 2.19 12.91 0.07
N TYR A 109 1.27 12.08 0.55
CA TYR A 109 -0.10 12.04 0.05
C TYR A 109 -0.73 13.43 0.07
N GLY A 110 -0.51 14.14 1.18
CA GLY A 110 -1.14 15.45 1.42
C GLY A 110 -0.83 16.49 0.37
N THR A 111 0.43 16.54 -0.05
CA THR A 111 0.92 17.55 -0.97
C THR A 111 0.35 17.32 -2.37
N TRP A 112 0.38 16.07 -2.80
CA TRP A 112 -0.17 15.67 -4.10
C TRP A 112 -1.69 15.87 -4.19
N HIS A 113 -2.42 15.53 -3.14
CA HIS A 113 -3.86 15.77 -3.13
C HIS A 113 -4.21 17.25 -3.18
N HIS A 114 -3.48 18.07 -2.43
CA HIS A 114 -3.70 19.50 -2.48
C HIS A 114 -3.54 20.05 -3.89
N ARG A 115 -2.54 19.56 -4.63
CA ARG A 115 -2.31 20.05 -5.98
C ARG A 115 -3.49 19.63 -6.88
N CYS A 116 -3.95 18.39 -6.72
CA CYS A 116 -5.11 17.88 -7.42
CA CYS A 116 -5.13 17.90 -7.42
C CYS A 116 -6.34 18.73 -7.07
N TRP A 117 -6.57 18.95 -5.77
CA TRP A 117 -7.69 19.82 -5.35
C TRP A 117 -7.59 21.17 -6.08
N LEU A 118 -6.42 21.79 -6.00
CA LEU A 118 -6.20 23.10 -6.61
C LEU A 118 -6.50 23.11 -8.10
N LEU A 119 -5.91 22.17 -8.84
CA LEU A 119 -6.04 22.14 -10.31
C LEU A 119 -7.48 21.82 -10.76
N SER A 120 -8.20 21.03 -9.96
CA SER A 120 -9.55 20.59 -10.29
C SER A 120 -10.57 21.72 -10.24
N ARG A 121 -10.23 22.83 -9.57
CA ARG A 121 -11.16 23.95 -9.41
C ARG A 121 -10.81 25.20 -10.25
N LEU A 122 -9.70 25.17 -10.98
CA LEU A 122 -9.34 26.26 -11.89
C LEU A 122 -10.18 26.23 -13.18
N PRO A 123 -10.51 27.41 -13.68
CA PRO A 123 -11.28 27.57 -14.91
C PRO A 123 -10.50 27.03 -16.08
N GLU A 124 -9.28 27.50 -16.25
CA GLU A 124 -8.42 27.05 -17.33
C GLU A 124 -7.05 26.55 -16.85
N PRO A 125 -7.03 25.36 -16.28
CA PRO A 125 -5.79 24.76 -15.83
C PRO A 125 -4.89 24.46 -17.00
N ASN A 126 -3.60 24.60 -16.78
CA ASN A 126 -2.59 24.26 -17.78
C ASN A 126 -2.10 22.83 -17.55
N TRP A 127 -2.67 21.88 -18.28
CA TRP A 127 -2.37 20.46 -18.10
C TRP A 127 -1.08 20.03 -18.78
N ALA A 128 -0.71 20.66 -19.88
CA ALA A 128 0.54 20.32 -20.56
C ALA A 128 1.72 20.56 -19.62
N ARG A 129 1.60 21.63 -18.83
CA ARG A 129 2.62 21.99 -17.85
CA ARG A 129 2.59 22.01 -17.83
C ARG A 129 2.66 20.96 -16.71
N GLU A 130 1.49 20.52 -16.26
CA GLU A 130 1.39 19.51 -15.23
C GLU A 130 1.97 18.15 -15.68
N LEU A 131 1.76 17.79 -16.95
CA LEU A 131 2.39 16.59 -17.52
C LEU A 131 3.91 16.67 -17.53
N GLU A 132 4.43 17.88 -17.71
CA GLU A 132 5.87 18.10 -17.74
C GLU A 132 6.44 18.02 -16.33
N LEU A 133 5.69 18.53 -15.35
CA LEU A 133 6.07 18.37 -13.96
C LEU A 133 6.20 16.89 -13.63
N CYS A 134 5.25 16.08 -14.09
CA CYS A 134 5.30 14.61 -13.89
C CYS A 134 6.53 13.95 -14.51
N ALA A 135 6.83 14.32 -15.76
CA ALA A 135 8.01 13.80 -16.46
C ALA A 135 9.30 14.10 -15.68
N ARG A 136 9.37 15.30 -15.11
CA ARG A 136 10.52 15.73 -14.31
C ARG A 136 10.63 14.93 -13.01
N PHE A 137 9.54 14.78 -12.28
CA PHE A 137 9.60 14.01 -11.03
C PHE A 137 9.86 12.53 -11.30
N LEU A 138 9.39 12.03 -12.44
CA LEU A 138 9.65 10.64 -12.82
C LEU A 138 11.09 10.43 -13.31
N GLU A 139 11.73 11.49 -13.79
CA GLU A 139 13.17 11.47 -14.06
C GLU A 139 13.95 11.34 -12.78
N ALA A 140 13.51 12.03 -11.72
CA ALA A 140 14.13 11.92 -10.41
C ALA A 140 13.93 10.52 -9.81
N ASP A 141 12.67 10.05 -9.84
CA ASP A 141 12.31 8.75 -9.25
C ASP A 141 11.23 8.08 -10.08
N GLU A 142 11.65 7.11 -10.90
CA GLU A 142 10.75 6.45 -11.84
C GLU A 142 9.73 5.53 -11.15
N ARG A 143 9.88 5.33 -9.84
CA ARG A 143 8.98 4.48 -9.06
C ARG A 143 8.05 5.28 -8.16
N ASN A 144 8.02 6.61 -8.28
CA ASN A 144 7.17 7.40 -7.38
C ASN A 144 5.72 7.25 -7.80
N PHE A 145 4.98 6.43 -7.05
CA PHE A 145 3.61 6.09 -7.43
C PHE A 145 2.64 7.27 -7.25
N HIS A 146 2.95 8.19 -6.34
CA HIS A 146 2.16 9.41 -6.20
C HIS A 146 2.21 10.19 -7.50
N CYS A 147 3.41 10.28 -8.06
CA CYS A 147 3.62 10.97 -9.33
C CYS A 147 2.98 10.26 -10.50
N TRP A 148 3.12 8.94 -10.59
CA TRP A 148 2.39 8.19 -11.62
C TRP A 148 0.86 8.37 -11.49
N ASP A 149 0.36 8.31 -10.26
CA ASP A 149 -1.06 8.57 -9.98
C ASP A 149 -1.47 9.95 -10.41
N TYR A 150 -0.66 10.95 -10.08
CA TYR A 150 -0.94 12.32 -10.54
C TYR A 150 -0.94 12.40 -12.07
N ARG A 151 -0.01 11.71 -12.71
CA ARG A 151 0.07 11.73 -14.16
C ARG A 151 -1.18 11.16 -14.82
N ARG A 152 -1.72 10.07 -14.28
CA ARG A 152 -2.97 9.48 -14.77
C ARG A 152 -4.15 10.43 -14.56
N PHE A 153 -4.11 11.18 -13.47
CA PHE A 153 -5.13 12.19 -13.19
C PHE A 153 -5.06 13.29 -14.25
N VAL A 154 -3.87 13.82 -14.48
CA VAL A 154 -3.67 14.87 -15.47
C VAL A 154 -4.02 14.42 -16.89
N ALA A 155 -3.61 13.20 -17.26
CA ALA A 155 -3.91 12.62 -18.57
C ALA A 155 -5.41 12.49 -18.81
N ALA A 156 -6.15 12.08 -17.77
CA ALA A 156 -7.59 11.99 -17.84
C ALA A 156 -8.21 13.37 -18.01
N GLN A 157 -7.84 14.31 -17.15
CA GLN A 157 -8.39 15.69 -17.20
C GLN A 157 -8.14 16.35 -18.55
N ALA A 158 -6.95 16.15 -19.11
CA ALA A 158 -6.61 16.68 -20.42
C ALA A 158 -7.05 15.73 -21.55
N ALA A 159 -7.75 14.65 -21.21
CA ALA A 159 -8.17 13.68 -22.20
C ALA A 159 -7.04 13.30 -23.15
N VAL A 160 -5.88 12.94 -22.60
CA VAL A 160 -4.74 12.45 -23.37
C VAL A 160 -5.00 10.99 -23.74
N ALA A 161 -4.64 10.62 -24.97
CA ALA A 161 -5.00 9.32 -25.52
C ALA A 161 -4.05 8.23 -25.03
N PRO A 162 -4.57 7.02 -24.78
CA PRO A 162 -3.77 5.85 -24.44
C PRO A 162 -2.50 5.68 -25.28
N ALA A 163 -2.59 5.99 -26.58
CA ALA A 163 -1.46 5.82 -27.49
C ALA A 163 -0.26 6.70 -27.11
N GLU A 164 -0.54 7.93 -26.65
CA GLU A 164 0.54 8.85 -26.28
C GLU A 164 1.22 8.36 -25.02
N GLU A 165 0.43 7.96 -24.04
CA GLU A 165 0.97 7.43 -22.78
C GLU A 165 1.79 6.16 -23.02
N LEU A 166 1.36 5.36 -24.01
CA LEU A 166 2.13 4.19 -24.41
C LEU A 166 3.52 4.59 -24.95
N ALA A 167 3.59 5.66 -25.73
CA ALA A 167 4.89 6.16 -26.23
C ALA A 167 5.79 6.61 -25.06
N PHE A 168 5.19 7.27 -24.07
CA PHE A 168 5.93 7.69 -22.87
C PHE A 168 6.55 6.49 -22.14
N THR A 169 5.78 5.40 -21.98
CA THR A 169 6.29 4.24 -21.25
C THR A 169 7.48 3.57 -21.96
N ASP A 170 7.41 3.43 -23.29
CA ASP A 170 8.49 2.79 -24.05
C ASP A 170 9.85 3.47 -23.81
N SER A 171 9.87 4.79 -23.98
CA SER A 171 11.07 5.56 -23.76
C SER A 171 11.62 5.34 -22.35
N LEU A 172 10.72 5.28 -21.37
CA LEU A 172 11.16 5.09 -19.98
C LEU A 172 11.81 3.71 -19.72
N ILE A 173 11.26 2.67 -20.36
CA ILE A 173 11.72 1.30 -20.10
C ILE A 173 13.12 1.05 -20.64
N THR A 174 13.43 1.68 -21.78
CA THR A 174 14.69 1.44 -22.49
C THR A 174 15.84 2.33 -21.98
N ARG A 175 15.51 3.57 -21.59
CA ARG A 175 16.51 4.54 -21.16
C ARG A 175 17.24 4.16 -19.86
N ASN A 176 16.59 3.34 -19.04
CA ASN A 176 17.21 2.77 -17.82
C ASN A 176 16.27 1.74 -17.15
N PHE A 177 16.70 1.15 -16.04
CA PHE A 177 15.88 0.18 -15.31
C PHE A 177 14.90 0.89 -14.36
N SER A 178 14.63 0.27 -13.19
CA SER A 178 13.53 0.68 -12.31
C SER A 178 12.20 0.75 -13.06
N ASN A 179 11.85 -0.35 -13.73
CA ASN A 179 10.76 -0.38 -14.68
C ASN A 179 9.39 -0.91 -14.19
N TYR A 180 9.26 -1.38 -12.95
CA TYR A 180 7.98 -1.99 -12.54
C TYR A 180 6.83 -1.04 -12.78
N SER A 181 6.98 0.25 -12.46
CA SER A 181 5.90 1.20 -12.61
C SER A 181 5.50 1.43 -14.06
N SER A 182 6.49 1.45 -14.96
CA SER A 182 6.22 1.65 -16.38
CA SER A 182 6.25 1.65 -16.39
C SER A 182 5.57 0.43 -17.00
N TRP A 183 6.03 -0.78 -16.67
CA TRP A 183 5.32 -1.98 -17.15
C TRP A 183 3.89 -2.04 -16.63
N HIS A 184 3.69 -1.67 -15.37
CA HIS A 184 2.32 -1.68 -14.82
C HIS A 184 1.42 -0.75 -15.62
N TYR A 185 1.92 0.44 -15.92
CA TYR A 185 1.14 1.39 -16.71
C TYR A 185 0.81 0.80 -18.08
N ARG A 186 1.75 0.12 -18.71
CA ARG A 186 1.47 -0.57 -19.98
C ARG A 186 0.37 -1.62 -19.89
N SER A 187 0.36 -2.40 -18.80
CA SER A 187 -0.70 -3.39 -18.59
C SER A 187 -2.11 -2.77 -18.56
N CYS A 188 -2.21 -1.50 -18.16
CA CYS A 188 -3.48 -0.77 -18.08
C CYS A 188 -3.82 -0.05 -19.38
N LEU A 189 -2.81 0.44 -20.08
CA LEU A 189 -3.00 1.14 -21.35
C LEU A 189 -3.39 0.19 -22.49
N LEU A 190 -2.65 -0.89 -22.65
CA LEU A 190 -2.87 -1.82 -23.77
C LEU A 190 -4.31 -2.29 -23.92
N PRO A 191 -4.96 -2.75 -22.84
CA PRO A 191 -6.37 -3.07 -22.95
C PRO A 191 -7.27 -1.91 -23.40
N GLN A 192 -6.85 -0.66 -23.14
CA GLN A 192 -7.65 0.52 -23.56
C GLN A 192 -7.56 0.77 -25.05
N LEU A 193 -6.39 0.48 -25.65
CA LEU A 193 -6.21 0.63 -27.09
C LEU A 193 -6.98 -0.44 -27.88
N HIS A 194 -7.40 -1.49 -27.18
CA HIS A 194 -8.15 -2.60 -27.77
C HIS A 194 -9.25 -2.98 -26.78
N PRO A 195 -10.23 -2.08 -26.56
CA PRO A 195 -11.16 -2.17 -25.43
C PRO A 195 -12.37 -3.07 -25.69
N GLN A 196 -12.23 -4.35 -25.32
CA GLN A 196 -13.32 -5.33 -25.39
C GLN A 196 -14.07 -5.36 -24.05
N PRO A 197 -15.29 -5.95 -24.01
CA PRO A 197 -16.05 -5.97 -22.75
C PRO A 197 -15.52 -7.03 -21.78
N ARG A 204 -7.25 -10.06 -21.76
CA ARG A 204 -7.00 -10.61 -23.10
C ARG A 204 -6.59 -9.51 -24.09
N LEU A 205 -5.50 -9.78 -24.81
CA LEU A 205 -5.00 -8.91 -25.85
C LEU A 205 -5.15 -9.61 -27.20
N PRO A 206 -5.35 -8.84 -28.28
CA PRO A 206 -5.23 -9.40 -29.62
C PRO A 206 -3.83 -9.97 -29.85
N GLU A 207 -3.74 -11.06 -30.61
CA GLU A 207 -2.47 -11.73 -30.79
C GLU A 207 -1.37 -10.84 -31.36
N ASN A 208 -1.69 -10.01 -32.35
CA ASN A 208 -0.69 -9.11 -32.94
C ASN A 208 -0.09 -8.16 -31.88
N VAL A 209 -0.94 -7.65 -30.99
CA VAL A 209 -0.49 -6.78 -29.92
C VAL A 209 0.34 -7.61 -28.93
N LEU A 210 -0.18 -8.78 -28.57
CA LEU A 210 0.49 -9.69 -27.63
C LEU A 210 1.90 -10.06 -28.10
N LEU A 211 2.01 -10.49 -29.36
CA LEU A 211 3.32 -10.80 -29.96
C LEU A 211 4.32 -9.62 -29.94
N LYS A 212 3.84 -8.41 -30.18
CA LYS A 212 4.70 -7.23 -30.11
C LYS A 212 5.18 -7.00 -28.67
N GLU A 213 4.29 -7.22 -27.70
CA GLU A 213 4.63 -7.02 -26.28
C GLU A 213 5.60 -8.09 -25.79
N LEU A 214 5.44 -9.31 -26.26
CA LEU A 214 6.37 -10.38 -25.94
C LEU A 214 7.78 -10.07 -26.43
N GLU A 215 7.88 -9.49 -27.62
CA GLU A 215 9.16 -9.12 -28.20
C GLU A 215 9.81 -8.03 -27.36
N LEU A 216 9.03 -7.01 -26.96
CA LEU A 216 9.53 -5.93 -26.13
CA LEU A 216 9.53 -5.93 -26.12
C LEU A 216 9.99 -6.43 -24.76
N VAL A 217 9.17 -7.25 -24.11
CA VAL A 217 9.50 -7.70 -22.74
C VAL A 217 10.71 -8.62 -22.73
N GLN A 218 10.76 -9.51 -23.72
CA GLN A 218 11.85 -10.46 -23.85
C GLN A 218 13.19 -9.76 -24.11
N ASN A 219 13.17 -8.68 -24.92
CA ASN A 219 14.33 -7.76 -25.02
C ASN A 219 14.79 -7.28 -23.66
N ALA A 220 13.84 -6.82 -22.86
CA ALA A 220 14.14 -6.31 -21.53
C ALA A 220 14.82 -7.34 -20.66
N PHE A 221 14.26 -8.55 -20.54
CA PHE A 221 14.85 -9.49 -19.58
C PHE A 221 16.07 -10.26 -20.07
N PHE A 222 16.35 -10.18 -21.37
CA PHE A 222 17.64 -10.65 -21.89
C PHE A 222 18.69 -9.55 -21.81
N THR A 223 18.25 -8.30 -21.78
CA THR A 223 19.16 -7.18 -21.54
C THR A 223 19.59 -7.14 -20.07
N ASP A 224 18.61 -7.19 -19.16
CA ASP A 224 18.89 -7.25 -17.72
C ASP A 224 18.09 -8.39 -17.08
N PRO A 225 18.63 -9.62 -17.12
CA PRO A 225 17.96 -10.78 -16.53
C PRO A 225 17.71 -10.75 -15.02
N ASN A 226 18.25 -9.75 -14.30
CA ASN A 226 17.93 -9.57 -12.88
C ASN A 226 16.78 -8.60 -12.60
N ASP A 227 16.32 -7.86 -13.62
CA ASP A 227 15.16 -7.00 -13.44
C ASP A 227 13.92 -7.88 -13.32
N GLN A 228 13.37 -7.97 -12.11
CA GLN A 228 12.20 -8.82 -11.89
C GLN A 228 10.97 -8.30 -12.62
N SER A 229 10.90 -7.00 -12.91
CA SER A 229 9.67 -6.40 -13.42
C SER A 229 9.25 -6.97 -14.78
N ALA A 230 10.21 -7.14 -15.68
CA ALA A 230 9.94 -7.72 -16.99
C ALA A 230 9.42 -9.17 -16.88
N TRP A 231 9.98 -9.94 -15.95
CA TRP A 231 9.54 -11.33 -15.74
C TRP A 231 8.10 -11.43 -15.22
N PHE A 232 7.74 -10.54 -14.30
CA PHE A 232 6.37 -10.44 -13.79
C PHE A 232 5.39 -10.08 -14.91
N TYR A 233 5.77 -9.10 -15.72
CA TYR A 233 4.95 -8.66 -16.84
C TYR A 233 4.85 -9.76 -17.91
N HIS A 234 5.95 -10.49 -18.14
CA HIS A 234 5.93 -11.59 -19.10
C HIS A 234 4.98 -12.71 -18.63
N ARG A 235 4.97 -13.00 -17.33
CA ARG A 235 4.05 -14.02 -16.83
C ARG A 235 2.59 -13.64 -17.11
N TRP A 236 2.29 -12.36 -16.96
CA TRP A 236 0.96 -11.86 -17.31
C TRP A 236 0.63 -12.06 -18.78
N LEU A 237 1.57 -11.74 -19.66
CA LEU A 237 1.35 -11.85 -21.11
C LEU A 237 1.10 -13.29 -21.52
N LEU A 238 1.83 -14.21 -20.89
CA LEU A 238 1.64 -15.64 -21.09
C LEU A 238 0.21 -16.11 -20.81
N GLY A 239 -0.45 -15.53 -19.81
CA GLY A 239 -1.86 -15.83 -19.57
C GLY A 239 -2.84 -15.05 -20.44
N ALA A 240 -2.39 -13.95 -21.03
CA ALA A 240 -3.29 -12.96 -21.64
C ALA A 240 -3.75 -13.34 -23.05
N GLY A 241 -3.35 -14.53 -23.54
CA GLY A 241 -3.72 -14.96 -24.88
C GLY A 241 -5.02 -15.73 -24.96
N SER A 242 -5.01 -16.79 -25.78
CA SER A 242 -6.24 -17.51 -26.14
C SER A 242 -6.21 -19.03 -25.90
N GLY A 243 -5.13 -19.54 -25.30
CA GLY A 243 -5.05 -20.96 -24.91
C GLY A 243 -4.19 -21.85 -25.80
N ARG A 244 -3.55 -22.84 -25.17
CA ARG A 244 -2.56 -23.70 -25.83
C ARG A 244 -3.13 -24.56 -26.95
N CYS A 245 -4.43 -24.86 -26.88
CA CYS A 245 -5.09 -25.67 -27.90
C CYS A 245 -5.43 -24.82 -29.13
N GLU A 246 -5.19 -23.51 -29.02
CA GLU A 246 -5.50 -22.54 -30.08
C GLU A 246 -4.22 -21.88 -30.62
N LEU A 247 -3.05 -22.35 -30.21
CA LEU A 247 -1.78 -21.74 -30.64
C LEU A 247 -1.67 -21.68 -32.16
N SER A 248 -1.45 -20.47 -32.67
CA SER A 248 -1.12 -20.26 -34.07
C SER A 248 0.28 -20.83 -34.34
N VAL A 249 0.63 -21.00 -35.61
CA VAL A 249 1.99 -21.45 -35.87
C VAL A 249 2.97 -20.36 -35.42
N GLU A 250 2.61 -19.09 -35.63
CA GLU A 250 3.51 -18.00 -35.24
C GLU A 250 3.70 -17.92 -33.73
N LYS A 251 2.62 -18.06 -32.96
CA LYS A 251 2.72 -17.96 -31.50
C LYS A 251 3.43 -19.18 -30.92
N SER A 252 3.07 -20.36 -31.44
CA SER A 252 3.78 -21.58 -31.14
C SER A 252 5.27 -21.38 -31.34
N THR A 253 5.63 -20.78 -32.46
CA THR A 253 7.04 -20.65 -32.84
C THR A 253 7.79 -19.62 -31.98
N VAL A 254 7.13 -18.50 -31.69
CA VAL A 254 7.66 -17.48 -30.77
C VAL A 254 7.91 -18.03 -29.36
N LEU A 255 6.93 -18.74 -28.80
CA LEU A 255 7.07 -19.37 -27.49
C LEU A 255 8.19 -20.41 -27.42
N GLN A 256 8.30 -21.28 -28.42
CA GLN A 256 9.43 -22.24 -28.49
C GLN A 256 10.75 -21.49 -28.51
N SER A 257 10.80 -20.38 -29.26
CA SER A 257 12.01 -19.57 -29.36
C SER A 257 12.36 -18.93 -28.01
N GLU A 258 11.35 -18.44 -27.31
CA GLU A 258 11.53 -17.94 -25.93
C GLU A 258 12.05 -19.04 -25.00
N LEU A 259 11.52 -20.25 -25.14
CA LEU A 259 11.99 -21.38 -24.34
C LEU A 259 13.50 -21.60 -24.56
N GLU A 260 13.93 -21.65 -25.82
CA GLU A 260 15.36 -21.90 -26.12
C GLU A 260 16.23 -20.74 -25.67
N SER A 261 15.73 -19.53 -25.79
CA SER A 261 16.45 -18.37 -25.30
C SER A 261 16.61 -18.35 -23.78
N CYS A 262 15.59 -18.81 -23.05
CA CYS A 262 15.68 -18.91 -21.59
C CYS A 262 16.65 -20.00 -21.16
N LYS A 263 16.68 -21.10 -21.88
CA LYS A 263 17.66 -22.15 -21.62
C LYS A 263 19.08 -21.66 -21.83
N GLU A 264 19.27 -20.87 -22.89
CA GLU A 264 20.54 -20.20 -23.14
C GLU A 264 20.92 -19.36 -21.93
N LEU A 265 20.02 -18.48 -21.52
CA LEU A 265 20.21 -17.65 -20.33
C LEU A 265 20.53 -18.48 -19.08
N GLN A 266 19.89 -19.65 -18.94
CA GLN A 266 20.12 -20.53 -17.78
C GLN A 266 21.59 -21.00 -17.70
N GLU A 267 22.17 -21.33 -18.86
CA GLU A 267 23.61 -21.59 -18.98
C GLU A 267 24.47 -20.43 -18.47
N LEU A 268 24.14 -19.21 -18.87
CA LEU A 268 24.91 -18.03 -18.49
C LEU A 268 24.73 -17.66 -17.02
N GLU A 269 23.50 -17.75 -16.52
CA GLU A 269 23.17 -17.35 -15.15
C GLU A 269 22.45 -18.52 -14.44
N PRO A 270 23.22 -19.51 -13.93
CA PRO A 270 22.60 -20.69 -13.33
C PRO A 270 21.90 -20.43 -12.00
N GLU A 271 22.23 -19.29 -11.37
CA GLU A 271 21.55 -18.86 -10.16
C GLU A 271 20.27 -18.03 -10.41
N ASN A 272 19.93 -17.77 -11.68
CA ASN A 272 18.78 -16.90 -12.02
C ASN A 272 17.48 -17.68 -11.92
N LYS A 273 16.70 -17.38 -10.89
CA LYS A 273 15.47 -18.12 -10.63
C LYS A 273 14.33 -17.75 -11.59
N TRP A 274 14.32 -16.52 -12.08
CA TRP A 274 13.24 -16.02 -12.92
C TRP A 274 13.21 -16.75 -14.27
N CYS A 275 14.40 -17.05 -14.79
CA CYS A 275 14.48 -17.74 -16.08
CA CYS A 275 14.54 -17.75 -16.05
C CYS A 275 14.03 -19.19 -15.94
N LEU A 276 14.32 -19.82 -14.82
CA LEU A 276 13.87 -21.22 -14.57
C LEU A 276 12.36 -21.30 -14.41
N LEU A 277 11.80 -20.40 -13.61
CA LEU A 277 10.34 -20.33 -13.47
C LEU A 277 9.67 -20.12 -14.83
N THR A 278 10.20 -19.18 -15.61
CA THR A 278 9.65 -18.87 -16.92
C THR A 278 9.71 -20.05 -17.92
N ILE A 279 10.78 -20.83 -17.87
CA ILE A 279 10.87 -22.09 -18.64
C ILE A 279 9.70 -23.04 -18.32
N ILE A 280 9.40 -23.21 -17.03
CA ILE A 280 8.28 -24.02 -16.60
C ILE A 280 6.98 -23.47 -17.17
N LEU A 281 6.79 -22.16 -17.03
CA LEU A 281 5.57 -21.52 -17.50
C LEU A 281 5.40 -21.60 -19.01
N LEU A 282 6.52 -21.56 -19.72
CA LEU A 282 6.50 -21.65 -21.17
C LEU A 282 6.12 -23.05 -21.61
N MET A 283 6.71 -24.05 -20.97
CA MET A 283 6.35 -25.45 -21.27
C MET A 283 4.87 -25.74 -21.04
N ARG A 284 4.33 -25.19 -19.94
CA ARG A 284 2.89 -25.19 -19.67
C ARG A 284 2.07 -24.54 -20.76
N ALA A 285 2.52 -23.39 -21.23
CA ALA A 285 1.83 -22.65 -22.29
C ALA A 285 1.90 -23.42 -23.62
N LEU A 286 2.94 -24.23 -23.77
CA LEU A 286 3.17 -24.99 -25.01
C LEU A 286 2.49 -26.38 -25.03
N ASP A 287 2.71 -27.21 -24.00
CA ASP A 287 2.20 -28.58 -23.99
C ASP A 287 2.47 -29.28 -22.64
N PRO A 288 1.56 -29.11 -21.68
CA PRO A 288 1.75 -29.65 -20.33
C PRO A 288 2.18 -31.12 -20.29
N LEU A 289 1.53 -32.00 -21.07
CA LEU A 289 1.87 -33.43 -21.01
C LEU A 289 3.15 -33.82 -21.77
N LEU A 290 3.39 -33.22 -22.92
CA LEU A 290 4.64 -33.50 -23.65
C LEU A 290 5.88 -33.09 -22.83
N TYR A 291 5.76 -32.01 -22.06
CA TYR A 291 6.87 -31.50 -21.28
C TYR A 291 6.79 -31.88 -19.80
N GLU A 292 6.00 -32.89 -19.46
CA GLU A 292 5.82 -33.25 -18.04
C GLU A 292 7.14 -33.60 -17.38
N LYS A 293 7.96 -34.41 -18.04
CA LYS A 293 9.25 -34.83 -17.47
C LYS A 293 10.21 -33.65 -17.20
N GLU A 294 10.35 -32.77 -18.19
CA GLU A 294 11.25 -31.64 -18.06
C GLU A 294 10.69 -30.67 -17.01
N THR A 295 9.37 -30.52 -16.98
CA THR A 295 8.72 -29.65 -15.99
C THR A 295 9.10 -30.11 -14.58
N LEU A 296 9.01 -31.40 -14.33
CA LEU A 296 9.39 -31.94 -13.03
C LEU A 296 10.87 -31.68 -12.72
N GLN A 297 11.73 -31.83 -13.72
CA GLN A 297 13.17 -31.59 -13.58
C GLN A 297 13.47 -30.13 -13.21
N TYR A 298 12.77 -29.23 -13.89
CA TYR A 298 12.92 -27.80 -13.66
C TYR A 298 12.45 -27.34 -12.28
N PHE A 299 11.42 -28.00 -11.76
CA PHE A 299 10.99 -27.74 -10.37
C PHE A 299 12.06 -28.08 -9.35
N SER A 300 12.75 -29.20 -9.54
CA SER A 300 13.85 -29.58 -8.65
C SER A 300 14.97 -28.58 -8.70
N THR A 301 15.39 -28.19 -9.89
CA THR A 301 16.44 -27.18 -10.02
C THR A 301 16.05 -25.85 -9.38
N LEU A 302 14.85 -25.37 -9.69
CA LEU A 302 14.38 -24.08 -9.19
C LEU A 302 14.31 -24.05 -7.66
N LYS A 303 13.77 -25.11 -7.05
CA LYS A 303 13.70 -25.18 -5.60
C LYS A 303 15.10 -25.12 -4.97
N ALA A 304 16.10 -25.73 -5.62
CA ALA A 304 17.49 -25.65 -5.16
C ALA A 304 18.08 -24.24 -5.29
N VAL A 305 17.68 -23.53 -6.33
CA VAL A 305 18.17 -22.18 -6.59
C VAL A 305 17.41 -21.13 -5.76
N ASP A 306 16.13 -21.36 -5.48
CA ASP A 306 15.31 -20.38 -4.73
C ASP A 306 14.58 -21.02 -3.54
N PRO A 307 15.35 -21.50 -2.55
CA PRO A 307 14.74 -22.27 -1.46
C PRO A 307 13.68 -21.55 -0.63
N MET A 308 13.74 -20.22 -0.52
CA MET A 308 12.69 -19.51 0.24
C MET A 308 11.29 -19.69 -0.38
N ARG A 309 11.24 -19.98 -1.67
CA ARG A 309 9.99 -20.19 -2.42
C ARG A 309 9.64 -21.67 -2.58
N ALA A 310 10.32 -22.56 -1.84
CA ALA A 310 10.06 -24.01 -1.96
C ALA A 310 8.57 -24.36 -1.79
N ALA A 311 7.94 -23.77 -0.77
CA ALA A 311 6.53 -24.09 -0.47
C ALA A 311 5.62 -23.65 -1.61
N TYR A 312 5.87 -22.46 -2.16
CA TYR A 312 5.10 -21.95 -3.28
C TYR A 312 5.30 -22.87 -4.46
N LEU A 313 6.55 -23.22 -4.69
CA LEU A 313 6.90 -24.06 -5.85
C LEU A 313 6.32 -25.46 -5.79
N ASP A 314 6.24 -26.04 -4.59
CA ASP A 314 5.55 -27.31 -4.38
C ASP A 314 4.05 -27.19 -4.64
N ASP A 315 3.43 -26.11 -4.18
CA ASP A 315 2.01 -25.91 -4.42
C ASP A 315 1.71 -25.68 -5.93
N LEU A 316 2.58 -24.93 -6.60
CA LEU A 316 2.42 -24.70 -8.04
C LEU A 316 2.55 -26.00 -8.82
N ARG A 317 3.51 -26.81 -8.44
CA ARG A 317 3.73 -28.09 -9.07
C ARG A 317 2.56 -29.05 -8.81
N SER A 318 2.02 -29.07 -7.60
CA SER A 318 0.84 -29.89 -7.31
C SER A 318 -0.36 -29.47 -8.16
N LYS A 319 -0.52 -28.16 -8.35
CA LYS A 319 -1.55 -27.61 -9.23
C LYS A 319 -1.33 -28.12 -10.66
N PHE A 320 -0.09 -28.07 -11.12
CA PHE A 320 0.20 -28.46 -12.50
C PHE A 320 0.01 -29.97 -12.73
N LEU A 321 0.33 -30.79 -11.74
CA LEU A 321 0.08 -32.23 -11.81
C LEU A 321 -1.41 -32.58 -11.84
N LEU A 322 -2.22 -31.81 -11.11
CA LEU A 322 -3.67 -31.99 -11.12
C LEU A 322 -4.22 -31.64 -12.51
N GLU A 323 -3.80 -30.49 -13.05
CA GLU A 323 -4.13 -30.08 -14.40
C GLU A 323 -3.81 -31.20 -15.39
N ASN A 324 -2.63 -31.80 -15.23
CA ASN A 324 -2.16 -32.86 -16.12
C ASN A 324 -3.03 -34.11 -16.00
N SER A 325 -3.40 -34.47 -14.77
CA SER A 325 -4.28 -35.63 -14.55
C SER A 325 -5.62 -35.46 -15.24
N VAL A 326 -6.16 -34.25 -15.21
CA VAL A 326 -7.40 -33.93 -15.89
C VAL A 326 -7.24 -34.05 -17.41
N LEU A 327 -6.09 -33.62 -17.93
CA LEU A 327 -5.77 -33.74 -19.36
C LEU A 327 -5.62 -35.20 -19.80
N LYS A 328 -4.92 -36.00 -19.00
CA LYS A 328 -4.79 -37.44 -19.26
C LYS A 328 -6.13 -38.18 -19.19
N MET A 329 -7.03 -37.72 -18.32
CA MET A 329 -8.39 -38.28 -18.18
C MET A 329 -9.32 -37.86 -19.33
N GLU A 330 -9.11 -36.67 -19.88
CA GLU A 330 -9.83 -36.20 -21.08
C GLU A 330 -9.65 -37.11 -22.30
N TYR A 331 -8.67 -38.01 -22.23
CA TYR A 331 -8.37 -38.96 -23.31
C TYR A 331 -9.58 -39.80 -23.73
N ALA A 332 -9.55 -40.22 -24.98
CA ALA A 332 -10.64 -40.95 -25.61
C ALA A 332 -10.27 -42.42 -25.76
N GLN B 4 17.72 -7.42 -5.27
CA GLN B 4 19.16 -7.12 -5.05
C GLN B 4 19.38 -6.08 -3.95
N LYS B 5 18.53 -5.06 -3.88
CA LYS B 5 18.55 -4.12 -2.76
C LYS B 5 18.05 -4.85 -1.52
N ASP B 6 18.94 -5.04 -0.55
CA ASP B 6 18.61 -5.74 0.67
C ASP B 6 19.45 -5.16 1.79
N VAL B 7 19.07 -5.45 3.04
CA VAL B 7 19.92 -5.12 4.18
C VAL B 7 20.69 -6.37 4.56
N THR B 8 21.89 -6.17 5.10
CA THR B 8 22.70 -7.27 5.60
C THR B 8 22.63 -7.23 7.12
N ILE B 9 22.07 -8.28 7.71
CA ILE B 9 21.94 -8.36 9.16
C ILE B 9 23.32 -8.68 9.75
N LYS B 10 23.88 -7.73 10.51
CA LYS B 10 25.15 -7.96 11.18
C LYS B 10 24.94 -8.95 12.33
N SER B 11 25.98 -9.70 12.67
CA SER B 11 25.84 -10.90 13.50
C SER B 11 25.60 -10.64 15.00
N ASP B 12 25.69 -9.39 15.43
CA ASP B 12 25.38 -9.02 16.81
C ASP B 12 23.98 -8.42 16.97
N ALA B 13 23.13 -8.61 15.94
CA ALA B 13 21.73 -8.18 16.01
C ALA B 13 20.95 -9.08 16.98
N PRO B 14 19.94 -8.53 17.68
CA PRO B 14 19.13 -9.32 18.63
C PRO B 14 18.46 -10.55 18.00
N ASP B 15 18.43 -11.65 18.74
CA ASP B 15 17.87 -12.92 18.24
C ASP B 15 16.93 -13.60 19.24
N THR B 16 16.37 -12.79 20.14
CA THR B 16 15.50 -13.27 21.21
C THR B 16 14.43 -12.21 21.43
N LEU B 17 13.23 -12.62 21.83
CA LEU B 17 12.12 -11.67 21.99
C LEU B 17 12.15 -10.92 23.34
N LEU B 18 12.33 -9.60 23.28
CA LEU B 18 12.56 -8.76 24.45
C LEU B 18 11.26 -8.10 24.88
N LEU B 19 10.30 -8.91 25.28
CA LEU B 19 8.92 -8.48 25.47
C LEU B 19 8.84 -7.46 26.60
N GLU B 20 9.43 -7.80 27.75
CA GLU B 20 9.44 -6.91 28.93
C GLU B 20 9.96 -5.52 28.57
N LYS B 21 11.01 -5.46 27.75
CA LYS B 21 11.56 -4.19 27.23
C LYS B 21 10.54 -3.42 26.36
N HIS B 22 9.81 -4.13 25.50
CA HIS B 22 8.88 -3.48 24.60
C HIS B 22 7.74 -2.84 25.38
N ALA B 23 7.22 -3.58 26.35
CA ALA B 23 6.13 -3.10 27.19
C ALA B 23 6.55 -1.88 28.02
N ASP B 24 7.82 -1.84 28.43
CA ASP B 24 8.37 -0.68 29.15
C ASP B 24 8.43 0.51 28.21
N TYR B 25 8.88 0.23 26.97
CA TYR B 25 9.01 1.28 25.97
C TYR B 25 7.66 1.93 25.66
N ILE B 26 6.63 1.12 25.47
CA ILE B 26 5.29 1.64 25.15
C ILE B 26 4.65 2.28 26.39
N ALA B 27 4.75 1.63 27.55
CA ALA B 27 4.22 2.19 28.80
C ALA B 27 4.75 3.61 29.09
N SER B 28 6.02 3.86 28.75
CA SER B 28 6.65 5.18 28.97
C SER B 28 6.59 6.14 27.78
N TYR B 29 6.00 5.72 26.67
CA TYR B 29 5.94 6.56 25.48
C TYR B 29 5.01 7.75 25.71
N GLY B 30 5.47 8.95 25.35
CA GLY B 30 4.68 10.17 25.60
C GLY B 30 4.87 10.71 27.02
N SER B 31 6.08 10.54 27.57
CA SER B 31 6.48 11.08 28.87
C SER B 31 7.63 12.07 28.69
N ASP B 35 9.35 15.47 24.83
CA ASP B 35 9.94 14.68 23.75
C ASP B 35 9.73 15.37 22.40
N TYR B 36 10.72 15.28 21.52
CA TYR B 36 10.68 15.96 20.23
C TYR B 36 9.70 15.30 19.26
N GLU B 37 9.89 14.01 19.03
CA GLU B 37 9.08 13.27 18.07
C GLU B 37 7.65 13.06 18.56
N TYR B 38 7.43 13.05 19.85
CA TYR B 38 6.08 12.86 20.32
C TYR B 38 5.30 14.04 19.81
N CYS B 39 5.86 15.22 20.02
CA CYS B 39 5.14 16.43 19.69
C CYS B 39 4.91 16.59 18.21
N MET B 40 5.77 16.02 17.38
CA MET B 40 5.69 16.37 15.96
C MET B 40 4.71 15.43 15.22
N SER B 41 4.30 14.37 15.90
CA SER B 41 3.36 13.40 15.35
C SER B 41 1.96 13.51 15.99
N GLU B 42 1.67 14.66 16.59
CA GLU B 42 0.34 14.99 17.11
C GLU B 42 -0.75 14.76 16.07
N TYR B 43 -0.43 15.05 14.80
CA TYR B 43 -1.36 14.88 13.69
C TYR B 43 -1.82 13.41 13.46
N LEU B 44 -1.15 12.44 14.07
CA LEU B 44 -1.58 11.04 14.01
C LEU B 44 -1.84 10.43 15.39
N ARG B 45 -2.00 11.28 16.40
CA ARG B 45 -2.07 10.83 17.80
C ARG B 45 -3.08 9.70 18.06
N MET B 46 -4.29 9.81 17.52
CA MET B 46 -5.30 8.79 17.76
C MET B 46 -4.82 7.41 17.30
N SER B 47 -4.07 7.37 16.20
CA SER B 47 -3.57 6.11 15.65
C SER B 47 -2.38 5.62 16.45
N GLY B 48 -1.52 6.56 16.83
CA GLY B 48 -0.43 6.30 17.79
C GLY B 48 -0.92 5.64 19.07
N VAL B 49 -2.02 6.16 19.60
CA VAL B 49 -2.69 5.60 20.77
C VAL B 49 -3.22 4.17 20.49
N TYR B 50 -3.89 4.00 19.34
CA TYR B 50 -4.28 2.65 18.88
C TYR B 50 -3.08 1.68 18.79
N TRP B 51 -1.96 2.12 18.24
CA TRP B 51 -0.80 1.23 18.05
C TRP B 51 -0.24 0.78 19.39
N GLY B 52 -0.09 1.72 20.32
CA GLY B 52 0.45 1.44 21.67
C GLY B 52 -0.45 0.53 22.48
N LEU B 53 -1.74 0.79 22.49
CA LEU B 53 -2.69 -0.03 23.23
C LEU B 53 -2.87 -1.42 22.68
N THR B 54 -2.90 -1.54 21.34
CA THR B 54 -3.00 -2.84 20.72
C THR B 54 -1.78 -3.72 20.98
N VAL B 55 -0.58 -3.15 20.83
CA VAL B 55 0.62 -3.94 21.07
C VAL B 55 0.72 -4.33 22.55
N MET B 56 0.33 -3.42 23.43
CA MET B 56 0.29 -3.74 24.87
C MET B 56 -0.70 -4.86 25.15
N ASP B 57 -1.89 -4.80 24.58
CA ASP B 57 -2.85 -5.86 24.76
C ASP B 57 -2.39 -7.21 24.19
N LEU B 58 -1.73 -7.22 23.03
CA LEU B 58 -1.16 -8.47 22.49
C LEU B 58 -0.13 -9.10 23.45
N MET B 59 0.57 -8.23 24.19
CA MET B 59 1.56 -8.67 25.19
C MET B 59 0.96 -8.89 26.59
N GLY B 60 -0.36 -8.75 26.72
CA GLY B 60 -1.05 -8.89 28.01
C GLY B 60 -0.80 -7.77 29.02
N GLN B 61 -0.30 -6.63 28.53
CA GLN B 61 0.08 -5.49 29.36
C GLN B 61 -0.84 -4.27 29.23
N LEU B 62 -2.06 -4.47 28.74
CA LEU B 62 -2.97 -3.34 28.50
C LEU B 62 -3.26 -2.52 29.76
N HIS B 63 -3.32 -3.20 30.89
CA HIS B 63 -3.67 -2.55 32.18
C HIS B 63 -2.74 -1.39 32.56
N ARG B 64 -1.51 -1.44 32.08
CA ARG B 64 -0.50 -0.44 32.36
C ARG B 64 -0.73 0.86 31.61
N MET B 65 -1.72 0.89 30.72
CA MET B 65 -2.08 2.10 30.00
C MET B 65 -3.26 2.75 30.72
N ASN B 66 -3.59 3.97 30.33
CA ASN B 66 -4.58 4.76 31.05
C ASN B 66 -5.96 4.83 30.35
N LYS B 67 -6.80 3.87 30.70
CA LYS B 67 -8.12 3.75 30.09
C LYS B 67 -8.93 5.03 30.21
N GLU B 68 -9.14 5.49 31.43
CA GLU B 68 -10.01 6.64 31.71
C GLU B 68 -9.60 7.87 30.92
N GLU B 69 -8.30 8.08 30.83
CA GLU B 69 -7.74 9.25 30.15
C GLU B 69 -7.92 9.15 28.62
N ILE B 70 -7.79 7.95 28.09
CA ILE B 70 -7.96 7.75 26.66
C ILE B 70 -9.44 7.93 26.26
N LEU B 71 -10.36 7.50 27.12
CA LEU B 71 -11.77 7.59 26.78
C LEU B 71 -12.25 9.05 26.72
N VAL B 72 -11.73 9.89 27.59
CA VAL B 72 -12.03 11.33 27.56
C VAL B 72 -11.41 11.98 26.33
N PHE B 73 -10.18 11.61 25.99
CA PHE B 73 -9.52 12.08 24.77
C PHE B 73 -10.35 11.74 23.51
N ILE B 74 -10.78 10.48 23.41
CA ILE B 74 -11.56 10.04 22.26
C ILE B 74 -12.85 10.85 22.11
N LYS B 75 -13.58 11.05 23.22
CA LYS B 75 -14.85 11.79 23.17
C LYS B 75 -14.61 13.22 22.71
N SER B 76 -13.54 13.84 23.22
CA SER B 76 -13.20 15.20 22.82
CA SER B 76 -13.18 15.20 22.82
C SER B 76 -12.77 15.27 21.35
N CYS B 77 -12.45 14.13 20.74
CA CYS B 77 -12.05 14.12 19.33
C CYS B 77 -13.19 13.86 18.35
N GLN B 78 -14.38 13.49 18.84
CA GLN B 78 -15.52 13.36 17.93
C GLN B 78 -16.10 14.72 17.62
N HIS B 79 -16.21 15.02 16.33
CA HIS B 79 -16.75 16.29 15.83
C HIS B 79 -18.26 16.21 15.58
N GLU B 80 -18.87 17.35 15.25
CA GLU B 80 -20.33 17.45 15.18
C GLU B 80 -20.87 16.69 13.97
N CYS B 81 -20.01 16.45 12.97
CA CYS B 81 -20.33 15.60 11.82
C CYS B 81 -20.36 14.09 12.11
N GLY B 82 -19.82 13.69 13.26
CA GLY B 82 -19.73 12.28 13.62
C GLY B 82 -18.34 11.69 13.50
N GLY B 83 -17.51 12.31 12.66
CA GLY B 83 -16.15 11.89 12.45
C GLY B 83 -15.23 12.22 13.60
N VAL B 84 -14.11 11.51 13.65
CA VAL B 84 -13.15 11.64 14.72
C VAL B 84 -11.81 12.12 14.14
N SER B 85 -11.17 13.03 14.87
CA SER B 85 -9.88 13.57 14.51
C SER B 85 -8.76 12.83 15.23
N ALA B 86 -7.53 13.06 14.78
CA ALA B 86 -6.34 12.46 15.39
C ALA B 86 -6.05 13.04 16.76
N SER B 87 -6.50 14.28 16.99
CA SER B 87 -6.22 14.98 18.21
C SER B 87 -7.20 16.15 18.34
N ILE B 88 -7.23 16.77 19.52
CA ILE B 88 -8.19 17.84 19.79
C ILE B 88 -7.80 19.03 18.94
N GLY B 89 -8.78 19.57 18.22
CA GLY B 89 -8.54 20.71 17.34
C GLY B 89 -8.11 20.36 15.92
N HIS B 90 -7.80 19.08 15.68
CA HIS B 90 -7.47 18.64 14.33
C HIS B 90 -8.77 18.27 13.65
N ASP B 91 -8.72 17.97 12.36
CA ASP B 91 -9.94 17.71 11.59
C ASP B 91 -10.29 16.22 11.54
N PRO B 92 -11.59 15.90 11.47
CA PRO B 92 -12.01 14.50 11.39
C PRO B 92 -11.57 13.80 10.12
N HIS B 93 -11.26 12.51 10.22
CA HIS B 93 -10.86 11.73 9.07
C HIS B 93 -11.23 10.27 9.33
N LEU B 94 -11.47 9.51 8.25
CA LEU B 94 -11.74 8.09 8.37
C LEU B 94 -10.61 7.30 9.07
N LEU B 95 -9.37 7.67 8.83
CA LEU B 95 -8.23 7.00 9.46
C LEU B 95 -8.35 7.00 10.99
N TYR B 96 -8.71 8.15 11.55
CA TYR B 96 -8.78 8.32 13.01
C TYR B 96 -10.09 7.88 13.58
N THR B 97 -11.15 7.93 12.78
CA THR B 97 -12.41 7.33 13.15
C THR B 97 -12.24 5.83 13.33
N LEU B 98 -11.51 5.18 12.41
CA LEU B 98 -11.24 3.74 12.55
C LEU B 98 -10.44 3.48 13.82
N SER B 99 -9.33 4.19 13.97
CA SER B 99 -8.48 4.06 15.17
C SER B 99 -9.24 4.22 16.47
N ALA B 100 -10.08 5.25 16.54
CA ALA B 100 -10.90 5.48 17.74
C ALA B 100 -11.80 4.28 18.02
N VAL B 101 -12.47 3.78 16.97
CA VAL B 101 -13.36 2.64 17.10
C VAL B 101 -12.63 1.35 17.45
N GLN B 102 -11.42 1.17 16.95
CA GLN B 102 -10.62 0.03 17.37
C GLN B 102 -10.27 0.11 18.87
N ILE B 103 -9.85 1.29 19.31
CA ILE B 103 -9.57 1.53 20.74
C ILE B 103 -10.78 1.23 21.62
N LEU B 104 -11.93 1.81 21.31
CA LEU B 104 -13.15 1.58 22.10
C LEU B 104 -13.59 0.10 22.08
N THR B 105 -13.29 -0.58 20.98
CA THR B 105 -13.53 -2.01 20.89
C THR B 105 -12.58 -2.76 21.83
N LEU B 106 -11.30 -2.42 21.84
CA LEU B 106 -10.38 -2.99 22.79
C LEU B 106 -10.85 -2.79 24.24
N TYR B 107 -11.44 -1.63 24.51
CA TYR B 107 -11.88 -1.25 25.84
C TYR B 107 -13.35 -1.55 26.17
N ASP B 108 -14.08 -2.17 25.24
CA ASP B 108 -15.52 -2.40 25.37
C ASP B 108 -16.28 -1.15 25.81
N SER B 109 -15.94 0.00 25.20
CA SER B 109 -16.52 1.28 25.57
CA SER B 109 -16.52 1.28 25.57
C SER B 109 -17.03 2.04 24.37
N ILE B 110 -17.62 1.32 23.42
CA ILE B 110 -18.07 1.93 22.16
C ILE B 110 -19.04 3.09 22.36
N HIS B 111 -19.83 3.02 23.43
CA HIS B 111 -20.81 4.09 23.60
CA HIS B 111 -20.84 4.02 23.82
C HIS B 111 -20.24 5.35 24.27
N VAL B 112 -18.93 5.38 24.46
CA VAL B 112 -18.21 6.61 24.78
C VAL B 112 -18.43 7.66 23.67
N ILE B 113 -18.57 7.23 22.41
CA ILE B 113 -18.89 8.15 21.34
C ILE B 113 -20.27 7.87 20.77
N ASN B 114 -20.74 8.82 19.97
CA ASN B 114 -22.04 8.70 19.33
C ASN B 114 -21.94 7.82 18.09
N VAL B 115 -22.32 6.56 18.26
CA VAL B 115 -22.18 5.57 17.20
C VAL B 115 -23.03 5.88 15.97
N ASP B 116 -24.26 6.36 16.19
CA ASP B 116 -25.16 6.73 15.10
C ASP B 116 -24.55 7.81 14.22
N LYS B 117 -23.84 8.74 14.83
CA LYS B 117 -23.18 9.79 14.09
C LYS B 117 -21.92 9.30 13.36
N VAL B 118 -21.19 8.36 13.94
CA VAL B 118 -20.03 7.75 13.25
C VAL B 118 -20.48 7.08 11.97
N VAL B 119 -21.56 6.31 12.08
CA VAL B 119 -22.14 5.62 10.94
C VAL B 119 -22.57 6.61 9.86
N ALA B 120 -23.19 7.72 10.25
CA ALA B 120 -23.63 8.69 9.29
C ALA B 120 -22.41 9.35 8.65
N TYR B 121 -21.36 9.59 9.42
CA TYR B 121 -20.14 10.15 8.86
C TYR B 121 -19.56 9.24 7.77
N VAL B 122 -19.40 7.96 8.10
CA VAL B 122 -18.86 7.00 7.14
C VAL B 122 -19.73 6.95 5.88
N GLN B 123 -21.04 6.79 6.06
CA GLN B 123 -22.02 6.77 4.97
C GLN B 123 -21.83 7.98 4.05
N SER B 124 -21.58 9.15 4.64
CA SER B 124 -21.48 10.42 3.87
C SER B 124 -20.27 10.50 2.95
N LEU B 125 -19.28 9.63 3.18
CA LEU B 125 -18.02 9.73 2.46
C LEU B 125 -17.97 8.81 1.23
N GLN B 126 -18.98 7.96 1.05
CA GLN B 126 -19.02 7.08 -0.10
C GLN B 126 -19.46 7.85 -1.34
N LYS B 127 -18.82 7.55 -2.47
CA LYS B 127 -19.08 8.25 -3.72
C LYS B 127 -19.93 7.38 -4.65
N GLU B 128 -20.37 7.93 -5.78
CA GLU B 128 -21.30 7.24 -6.66
C GLU B 128 -20.69 5.96 -7.21
N ASP B 129 -19.37 5.96 -7.45
CA ASP B 129 -18.69 4.78 -7.94
C ASP B 129 -18.40 3.74 -6.85
N GLY B 130 -18.79 4.04 -5.60
CA GLY B 130 -18.64 3.09 -4.51
C GLY B 130 -17.40 3.31 -3.66
N SER B 131 -16.48 4.15 -4.14
CA SER B 131 -15.28 4.50 -3.37
C SER B 131 -15.59 5.32 -2.13
N PHE B 132 -14.57 5.43 -1.27
CA PHE B 132 -14.65 6.34 -0.15
C PHE B 132 -13.58 7.42 -0.18
N ALA B 133 -14.01 8.65 0.11
CA ALA B 133 -13.10 9.74 0.41
C ALA B 133 -12.68 9.59 1.86
N GLY B 134 -11.51 10.11 2.21
CA GLY B 134 -11.03 10.05 3.58
C GLY B 134 -11.69 11.06 4.47
N ASP B 135 -12.12 12.16 3.86
CA ASP B 135 -12.77 13.25 4.54
C ASP B 135 -13.47 14.15 3.53
N ILE B 136 -14.05 15.25 3.99
CA ILE B 136 -14.74 16.17 3.09
C ILE B 136 -13.89 16.73 1.95
N TRP B 137 -12.58 16.59 2.02
CA TRP B 137 -11.74 17.16 0.99
C TRP B 137 -11.48 16.22 -0.20
N GLY B 138 -12.07 15.04 -0.17
CA GLY B 138 -12.23 14.23 -1.37
C GLY B 138 -11.13 13.31 -1.83
N GLU B 139 -10.06 13.11 -1.05
CA GLU B 139 -9.02 12.18 -1.47
C GLU B 139 -9.59 10.77 -1.50
N ILE B 140 -9.51 10.10 -2.65
CA ILE B 140 -10.01 8.73 -2.81
C ILE B 140 -8.87 7.73 -2.72
N ASP B 141 -9.01 6.72 -1.86
CA ASP B 141 -7.99 5.70 -1.71
C ASP B 141 -8.69 4.45 -1.20
N THR B 142 -8.32 3.29 -1.74
CA THR B 142 -8.80 2.03 -1.19
C THR B 142 -8.47 1.84 0.29
N ARG B 143 -7.45 2.53 0.80
CA ARG B 143 -7.24 2.55 2.28
C ARG B 143 -8.53 2.97 2.99
N PHE B 144 -9.24 3.94 2.40
CA PHE B 144 -10.46 4.48 2.99
C PHE B 144 -11.67 3.57 2.84
N SER B 145 -11.70 2.77 1.77
CA SER B 145 -12.69 1.69 1.66
C SER B 145 -12.55 0.69 2.79
N PHE B 146 -11.30 0.35 3.12
CA PHE B 146 -11.04 -0.51 4.27
C PHE B 146 -11.40 0.17 5.61
N CYS B 147 -10.94 1.38 5.84
CA CYS B 147 -11.34 2.12 7.06
C CYS B 147 -12.86 2.15 7.24
N ALA B 148 -13.58 2.40 6.15
CA ALA B 148 -15.03 2.50 6.21
C ALA B 148 -15.67 1.17 6.65
N VAL B 149 -15.36 0.06 5.96
CA VAL B 149 -16.05 -1.21 6.25
C VAL B 149 -15.55 -1.83 7.54
N ALA B 150 -14.29 -1.60 7.88
CA ALA B 150 -13.72 -2.06 9.16
C ALA B 150 -14.37 -1.35 10.35
N THR B 151 -14.54 -0.04 10.24
CA THR B 151 -15.25 0.74 11.25
C THR B 151 -16.69 0.26 11.39
N LEU B 152 -17.40 0.14 10.28
CA LEU B 152 -18.77 -0.32 10.32
C LEU B 152 -18.92 -1.75 10.82
N ALA B 153 -18.05 -2.66 10.39
CA ALA B 153 -18.04 -4.05 10.90
C ALA B 153 -17.93 -4.10 12.41
N LEU B 154 -17.04 -3.28 12.96
CA LEU B 154 -16.82 -3.26 14.40
C LEU B 154 -18.02 -2.71 15.16
N LEU B 155 -18.85 -1.89 14.51
CA LEU B 155 -20.09 -1.36 15.09
C LEU B 155 -21.35 -2.13 14.71
N GLY B 156 -21.19 -3.19 13.92
CA GLY B 156 -22.33 -4.01 13.47
C GLY B 156 -23.23 -3.28 12.50
N LYS B 157 -22.63 -2.39 11.70
CA LYS B 157 -23.41 -1.51 10.85
C LYS B 157 -22.91 -1.49 9.41
N LEU B 158 -22.37 -2.61 8.93
CA LEU B 158 -21.89 -2.73 7.55
C LEU B 158 -23.03 -2.43 6.56
N ASP B 159 -24.25 -2.79 6.93
CA ASP B 159 -25.40 -2.56 6.04
C ASP B 159 -25.69 -1.09 5.73
N ALA B 160 -25.02 -0.17 6.43
CA ALA B 160 -25.25 1.26 6.29
C ALA B 160 -24.69 1.85 4.99
N ILE B 161 -23.80 1.14 4.33
CA ILE B 161 -23.19 1.65 3.09
C ILE B 161 -23.63 0.80 1.91
N ASN B 162 -23.36 1.28 0.69
CA ASN B 162 -23.64 0.52 -0.51
C ASN B 162 -22.51 -0.47 -0.72
N VAL B 163 -22.71 -1.73 -0.32
CA VAL B 163 -21.61 -2.69 -0.26
C VAL B 163 -21.21 -3.22 -1.63
N GLU B 164 -22.20 -3.57 -2.47
CA GLU B 164 -21.92 -4.01 -3.82
C GLU B 164 -21.16 -2.95 -4.62
N LYS B 165 -21.56 -1.70 -4.54
CA LYS B 165 -20.79 -0.64 -5.22
C LYS B 165 -19.40 -0.50 -4.63
N ALA B 166 -19.30 -0.64 -3.31
CA ALA B 166 -18.01 -0.55 -2.64
C ALA B 166 -17.08 -1.67 -3.11
N ILE B 167 -17.64 -2.87 -3.26
CA ILE B 167 -16.92 -4.02 -3.79
C ILE B 167 -16.47 -3.82 -5.23
N GLU B 168 -17.39 -3.31 -6.05
CA GLU B 168 -17.08 -3.01 -7.44
C GLU B 168 -15.88 -2.08 -7.58
N PHE B 169 -15.84 -1.03 -6.76
CA PHE B 169 -14.72 -0.08 -6.82
C PHE B 169 -13.41 -0.76 -6.44
N VAL B 170 -13.40 -1.53 -5.36
CA VAL B 170 -12.18 -2.19 -4.89
C VAL B 170 -11.66 -3.16 -5.95
N LEU B 171 -12.56 -3.93 -6.55
CA LEU B 171 -12.15 -4.87 -7.58
C LEU B 171 -11.65 -4.18 -8.83
N SER B 172 -12.15 -2.98 -9.13
CA SER B 172 -11.62 -2.16 -10.22
C SER B 172 -10.18 -1.66 -9.96
N CYS B 173 -9.69 -1.82 -8.73
CA CYS B 173 -8.30 -1.48 -8.40
C CYS B 173 -7.40 -2.73 -8.43
N MET B 174 -7.93 -3.88 -8.86
CA MET B 174 -7.11 -5.09 -9.03
C MET B 174 -6.26 -5.00 -10.30
N ASN B 175 -5.02 -5.46 -10.19
CA ASN B 175 -4.04 -5.22 -11.23
C ASN B 175 -3.58 -6.51 -11.89
N PHE B 176 -2.77 -6.35 -12.93
CA PHE B 176 -2.29 -7.47 -13.78
C PHE B 176 -1.59 -8.55 -12.99
N ASP B 177 -0.97 -8.13 -11.89
CA ASP B 177 -0.14 -8.99 -11.03
C ASP B 177 -0.91 -9.58 -9.86
N GLY B 178 -2.22 -9.34 -9.79
CA GLY B 178 -3.08 -9.88 -8.76
C GLY B 178 -3.26 -8.96 -7.57
N GLY B 179 -2.47 -7.89 -7.53
CA GLY B 179 -2.46 -6.96 -6.40
C GLY B 179 -3.43 -5.83 -6.57
N PHE B 180 -3.34 -4.84 -5.69
CA PHE B 180 -4.21 -3.67 -5.68
C PHE B 180 -3.42 -2.41 -5.43
N GLY B 181 -3.89 -1.30 -5.98
CA GLY B 181 -3.37 0.04 -5.70
C GLY B 181 -4.39 0.98 -5.06
N CYS B 182 -4.00 2.25 -4.92
CA CYS B 182 -4.80 3.31 -4.29
C CYS B 182 -6.14 3.53 -4.97
N ARG B 183 -6.11 3.57 -6.29
CA ARG B 183 -7.22 3.95 -7.14
C ARG B 183 -7.11 3.17 -8.42
N PRO B 184 -8.17 3.20 -9.25
CA PRO B 184 -8.08 2.43 -10.50
C PRO B 184 -6.86 2.83 -11.35
N GLY B 185 -6.10 1.83 -11.81
CA GLY B 185 -4.88 2.08 -12.57
C GLY B 185 -3.63 2.25 -11.72
N SER B 186 -3.76 2.33 -10.39
CA SER B 186 -2.59 2.51 -9.53
C SER B 186 -1.83 1.20 -9.38
N GLU B 187 -0.52 1.31 -9.25
CA GLU B 187 0.37 0.17 -9.18
C GLU B 187 0.17 -0.59 -7.88
N SER B 188 0.41 -1.90 -7.91
CA SER B 188 0.28 -2.73 -6.70
C SER B 188 1.31 -2.34 -5.64
N HIS B 189 0.85 -2.28 -4.39
CA HIS B 189 1.70 -1.94 -3.25
C HIS B 189 1.20 -2.75 -2.04
N ALA B 190 2.10 -3.29 -1.22
CA ALA B 190 1.68 -4.13 -0.08
C ALA B 190 0.65 -3.51 0.83
N GLY B 191 0.81 -2.22 1.12
CA GLY B 191 -0.13 -1.47 1.94
C GLY B 191 -1.53 -1.51 1.41
N GLN B 192 -1.70 -1.25 0.12
CA GLN B 192 -3.04 -1.27 -0.46
C GLN B 192 -3.56 -2.71 -0.61
N ILE B 193 -2.67 -3.64 -0.88
CA ILE B 193 -3.07 -5.05 -0.91
C ILE B 193 -3.64 -5.50 0.43
N TYR B 194 -2.97 -5.09 1.52
CA TYR B 194 -3.46 -5.38 2.86
C TYR B 194 -4.86 -4.78 3.06
N CYS B 195 -5.04 -3.52 2.70
CA CYS B 195 -6.33 -2.86 2.83
CA CYS B 195 -6.34 -2.90 2.90
C CYS B 195 -7.43 -3.51 2.01
N CYS B 196 -7.10 -3.85 0.76
CA CYS B 196 -8.10 -4.44 -0.12
C CYS B 196 -8.42 -5.90 0.22
N THR B 197 -7.44 -6.71 0.58
CA THR B 197 -7.75 -8.08 1.02
C THR B 197 -8.54 -8.03 2.33
N GLY B 198 -8.16 -7.14 3.24
CA GLY B 198 -8.95 -6.90 4.45
C GLY B 198 -10.38 -6.53 4.11
N PHE B 199 -10.54 -5.62 3.15
CA PHE B 199 -11.88 -5.18 2.72
C PHE B 199 -12.67 -6.35 2.20
N LEU B 200 -12.03 -7.18 1.38
CA LEU B 200 -12.72 -8.31 0.78
C LEU B 200 -13.03 -9.42 1.79
N ALA B 201 -12.19 -9.56 2.79
CA ALA B 201 -12.51 -10.44 3.92
C ALA B 201 -13.79 -9.99 4.62
N ILE B 202 -13.86 -8.71 4.96
CA ILE B 202 -14.99 -8.13 5.68
C ILE B 202 -16.30 -8.25 4.89
N THR B 203 -16.22 -8.04 3.59
CA THR B 203 -17.39 -8.07 2.75
C THR B 203 -17.68 -9.46 2.13
N SER B 204 -16.93 -10.48 2.57
CA SER B 204 -17.09 -11.87 2.09
C SER B 204 -16.84 -12.07 0.60
N GLN B 205 -15.81 -11.44 0.05
CA GLN B 205 -15.53 -11.52 -1.38
C GLN B 205 -14.14 -12.05 -1.74
N LEU B 206 -13.52 -12.85 -0.88
CA LEU B 206 -12.18 -13.37 -1.16
C LEU B 206 -12.10 -14.35 -2.33
N HIS B 207 -13.24 -14.93 -2.70
CA HIS B 207 -13.29 -15.75 -3.90
C HIS B 207 -12.93 -14.94 -5.15
N GLN B 208 -13.07 -13.61 -5.09
CA GLN B 208 -12.71 -12.77 -6.23
C GLN B 208 -11.20 -12.45 -6.35
N VAL B 209 -10.41 -12.79 -5.34
CA VAL B 209 -8.96 -12.61 -5.40
C VAL B 209 -8.35 -13.83 -6.10
N ASN B 210 -7.36 -13.61 -6.96
CA ASN B 210 -6.56 -14.71 -7.50
C ASN B 210 -5.47 -15.02 -6.47
N SER B 211 -5.76 -15.93 -5.54
CA SER B 211 -4.88 -16.15 -4.40
C SER B 211 -3.53 -16.70 -4.79
N ASP B 212 -3.49 -17.56 -5.82
CA ASP B 212 -2.22 -18.10 -6.29
C ASP B 212 -1.34 -17.01 -6.94
N LEU B 213 -1.94 -16.13 -7.74
CA LEU B 213 -1.18 -15.07 -8.38
C LEU B 213 -0.74 -14.02 -7.35
N LEU B 214 -1.68 -13.52 -6.56
CA LEU B 214 -1.34 -12.51 -5.56
C LEU B 214 -0.38 -13.06 -4.51
N GLY B 215 -0.60 -14.32 -4.15
CA GLY B 215 0.23 -14.98 -3.17
C GLY B 215 1.66 -15.10 -3.63
N TRP B 216 1.86 -15.35 -4.93
CA TRP B 216 3.18 -15.39 -5.50
C TRP B 216 3.84 -13.99 -5.46
N TRP B 217 3.14 -12.95 -5.90
CA TRP B 217 3.65 -11.56 -5.80
C TRP B 217 4.06 -11.21 -4.35
N LEU B 218 3.26 -11.64 -3.39
CA LEU B 218 3.51 -11.36 -1.98
C LEU B 218 4.72 -12.13 -1.49
N CYS B 219 4.83 -13.42 -1.80
CA CYS B 219 5.97 -14.20 -1.29
C CYS B 219 7.30 -13.79 -1.94
N GLU B 220 7.25 -13.24 -3.17
CA GLU B 220 8.41 -12.66 -3.80
C GLU B 220 8.87 -11.34 -3.14
N ARG B 221 8.10 -10.82 -2.19
CA ARG B 221 8.52 -9.67 -1.35
C ARG B 221 9.64 -10.04 -0.36
N GLN B 222 9.82 -11.32 -0.05
CA GLN B 222 10.84 -11.76 0.91
C GLN B 222 12.25 -11.74 0.30
N LEU B 223 13.15 -11.03 0.96
CA LEU B 223 14.51 -10.85 0.48
C LEU B 223 15.47 -11.83 1.16
N PRO B 224 16.69 -12.02 0.60
CA PRO B 224 17.64 -12.93 1.24
C PRO B 224 17.84 -12.68 2.72
N SER B 225 17.75 -11.43 3.16
CA SER B 225 17.82 -11.10 4.58
C SER B 225 16.70 -11.75 5.40
N GLY B 226 15.63 -12.19 4.73
CA GLY B 226 14.46 -12.71 5.44
C GLY B 226 13.33 -11.69 5.57
N GLY B 227 13.66 -10.41 5.45
CA GLY B 227 12.69 -9.32 5.59
C GLY B 227 11.85 -9.15 4.33
N LEU B 228 10.68 -8.53 4.49
CA LEU B 228 9.75 -8.32 3.38
C LEU B 228 9.77 -6.85 2.94
N ASN B 229 9.80 -6.60 1.63
CA ASN B 229 9.55 -5.25 1.11
C ASN B 229 8.11 -5.07 0.69
N GLY B 230 7.75 -3.84 0.30
CA GLY B 230 6.39 -3.49 -0.04
C GLY B 230 6.08 -3.53 -1.52
N ARG B 231 7.14 -3.53 -2.34
CA ARG B 231 7.04 -3.74 -3.76
C ARG B 231 8.43 -4.00 -4.35
N PRO B 232 8.45 -4.46 -5.60
CA PRO B 232 9.70 -4.84 -6.22
C PRO B 232 10.75 -3.76 -6.09
N GLU B 233 11.98 -4.21 -5.82
CA GLU B 233 13.18 -3.38 -5.85
C GLU B 233 13.27 -2.37 -4.72
N LYS B 234 12.52 -2.57 -3.64
CA LYS B 234 12.64 -1.70 -2.47
C LYS B 234 13.29 -2.45 -1.31
N LEU B 235 13.75 -1.69 -0.32
CA LEU B 235 14.36 -2.23 0.90
C LEU B 235 13.32 -2.91 1.78
N PRO B 236 13.72 -3.98 2.49
CA PRO B 236 12.82 -4.58 3.46
C PRO B 236 12.57 -3.67 4.66
N ASP B 237 11.53 -3.99 5.42
CA ASP B 237 11.04 -3.10 6.45
C ASP B 237 10.05 -3.89 7.31
N VAL B 238 10.15 -3.71 8.62
CA VAL B 238 9.32 -4.41 9.59
C VAL B 238 7.80 -4.22 9.37
N CYS B 239 7.39 -3.04 8.93
CA CYS B 239 5.95 -2.83 8.80
C CYS B 239 5.38 -3.63 7.60
N TYR B 240 6.19 -3.83 6.56
CA TYR B 240 5.78 -4.74 5.47
C TYR B 240 5.73 -6.16 5.90
N SER B 241 6.53 -6.54 6.90
CA SER B 241 6.37 -7.85 7.48
C SER B 241 4.90 -7.97 7.59
N TRP B 242 4.31 -7.06 8.39
CA TRP B 242 2.91 -7.09 8.70
C TRP B 242 1.96 -7.03 7.49
N TRP B 243 2.07 -5.97 6.67
CA TRP B 243 1.20 -5.81 5.48
C TRP B 243 1.15 -7.07 4.61
N VAL B 244 2.33 -7.60 4.31
CA VAL B 244 2.46 -8.73 3.40
C VAL B 244 2.00 -10.02 4.08
N LEU B 245 2.41 -10.23 5.32
CA LEU B 245 2.10 -11.46 6.05
C LEU B 245 0.61 -11.57 6.36
N ALA B 246 0.03 -10.45 6.78
CA ALA B 246 -1.39 -10.43 7.04
C ALA B 246 -2.20 -10.70 5.76
N SER B 247 -1.77 -10.09 4.65
CA SER B 247 -2.41 -10.34 3.36
C SER B 247 -2.32 -11.83 2.99
N LEU B 248 -1.14 -12.40 3.09
CA LEU B 248 -0.93 -13.83 2.85
C LEU B 248 -1.83 -14.71 3.71
N LYS B 249 -1.95 -14.37 4.99
CA LYS B 249 -2.86 -15.09 5.89
C LYS B 249 -4.32 -14.99 5.45
N ILE B 250 -4.75 -13.79 5.08
CA ILE B 250 -6.12 -13.61 4.63
C ILE B 250 -6.43 -14.51 3.40
N ILE B 251 -5.46 -14.66 2.51
CA ILE B 251 -5.69 -15.40 1.25
C ILE B 251 -5.22 -16.84 1.33
N GLY B 252 -4.87 -17.29 2.54
CA GLY B 252 -4.50 -18.69 2.77
C GLY B 252 -3.13 -19.13 2.26
N ARG B 253 -2.17 -18.22 2.18
CA ARG B 253 -0.86 -18.53 1.61
C ARG B 253 0.32 -18.14 2.51
N LEU B 254 0.08 -18.05 3.82
CA LEU B 254 1.15 -17.65 4.75
C LEU B 254 2.38 -18.56 4.68
N HIS B 255 2.15 -19.85 4.42
CA HIS B 255 3.24 -20.81 4.29
C HIS B 255 4.14 -20.58 3.09
N TRP B 256 3.80 -19.63 2.23
CA TRP B 256 4.63 -19.34 1.06
C TRP B 256 5.85 -18.47 1.36
N ILE B 257 5.95 -17.91 2.55
CA ILE B 257 7.22 -17.28 2.97
C ILE B 257 8.01 -18.18 3.94
N ASP B 258 9.31 -17.94 4.01
CA ASP B 258 10.18 -18.65 4.95
C ASP B 258 10.00 -18.01 6.32
N ARG B 259 9.19 -18.65 7.16
CA ARG B 259 8.82 -18.13 8.48
C ARG B 259 10.02 -17.84 9.37
N GLU B 260 11.00 -18.75 9.35
CA GLU B 260 12.12 -18.63 10.29
C GLU B 260 13.06 -17.50 9.89
N LYS B 261 13.31 -17.34 8.60
CA LYS B 261 14.11 -16.21 8.11
C LYS B 261 13.43 -14.87 8.39
N LEU B 262 12.11 -14.81 8.25
CA LEU B 262 11.36 -13.58 8.56
C LEU B 262 11.40 -13.28 10.05
N ARG B 263 11.16 -14.28 10.88
CA ARG B 263 11.26 -14.11 12.32
C ARG B 263 12.62 -13.54 12.77
N SER B 264 13.71 -14.04 12.20
CA SER B 264 15.04 -13.52 12.52
C SER B 264 15.19 -12.07 12.08
N PHE B 265 14.59 -11.71 10.94
CA PHE B 265 14.65 -10.33 10.49
C PHE B 265 13.94 -9.43 11.49
N ILE B 266 12.76 -9.85 11.90
CA ILE B 266 11.93 -9.03 12.76
C ILE B 266 12.63 -8.87 14.12
N LEU B 267 13.16 -9.97 14.65
CA LEU B 267 13.90 -9.90 15.93
C LEU B 267 15.12 -8.97 15.81
N ALA B 268 15.79 -8.99 14.66
CA ALA B 268 16.93 -8.11 14.44
C ALA B 268 16.60 -6.61 14.41
N CYS B 269 15.31 -6.27 14.25
CA CYS B 269 14.88 -4.86 14.23
C CYS B 269 14.63 -4.25 15.62
N GLN B 270 14.60 -5.11 16.64
CA GLN B 270 14.47 -4.68 18.03
C GLN B 270 15.67 -3.80 18.46
N ASP B 271 15.41 -2.91 19.42
CA ASP B 271 16.48 -2.18 20.08
C ASP B 271 16.64 -2.77 21.48
N GLU B 272 17.79 -3.41 21.69
CA GLU B 272 18.10 -4.10 22.95
C GLU B 272 18.15 -3.17 24.17
N GLU B 273 18.60 -1.93 23.97
CA GLU B 273 18.65 -0.94 25.04
C GLU B 273 17.29 -0.27 25.29
N THR B 274 16.81 0.50 24.31
CA THR B 274 15.60 1.31 24.47
C THR B 274 14.29 0.52 24.42
N GLY B 275 14.33 -0.70 23.90
CA GLY B 275 13.09 -1.43 23.61
C GLY B 275 12.45 -0.86 22.35
N GLY B 276 11.33 -1.44 21.94
CA GLY B 276 10.69 -1.10 20.65
C GLY B 276 11.38 -1.69 19.42
N PHE B 277 10.70 -1.59 18.27
CA PHE B 277 11.25 -2.03 16.98
C PHE B 277 11.43 -0.84 16.05
N ALA B 278 12.44 -0.92 15.19
CA ALA B 278 12.60 0.05 14.12
C ALA B 278 12.17 -0.59 12.80
N ASP B 279 12.16 0.22 11.74
CA ASP B 279 11.81 -0.29 10.40
C ASP B 279 12.83 -1.28 9.89
N ARG B 280 14.09 -1.08 10.27
CA ARG B 280 15.15 -2.02 9.93
C ARG B 280 16.26 -2.00 10.99
N PRO B 281 17.08 -3.08 11.06
CA PRO B 281 17.97 -3.29 12.19
C PRO B 281 18.87 -2.10 12.48
N GLY B 282 18.98 -1.71 13.75
CA GLY B 282 19.84 -0.61 14.15
C GLY B 282 19.28 0.79 14.00
N ASP B 283 18.15 0.94 13.30
CA ASP B 283 17.50 2.25 13.15
C ASP B 283 16.76 2.60 14.43
N MET B 284 16.29 3.84 14.52
CA MET B 284 15.57 4.28 15.71
C MET B 284 14.15 3.73 15.72
N VAL B 285 13.72 3.27 16.88
CA VAL B 285 12.43 2.62 17.03
C VAL B 285 11.28 3.61 17.10
N ASP B 286 10.06 3.10 16.93
CA ASP B 286 8.84 3.87 17.16
C ASP B 286 7.70 2.89 17.46
N PRO B 287 6.59 3.38 18.02
CA PRO B 287 5.48 2.49 18.38
C PRO B 287 4.72 1.87 17.21
N PHE B 288 4.76 2.50 16.04
CA PHE B 288 4.16 1.98 14.81
C PHE B 288 4.85 0.64 14.43
N HIS B 289 6.17 0.69 14.26
CA HIS B 289 6.94 -0.50 13.90
C HIS B 289 7.00 -1.52 15.03
N THR B 290 6.79 -1.06 16.27
CA THR B 290 6.68 -1.95 17.40
C THR B 290 5.40 -2.76 17.34
N LEU B 291 4.27 -2.13 17.00
CA LEU B 291 3.04 -2.89 16.82
C LEU B 291 3.20 -3.90 15.71
N PHE B 292 3.71 -3.46 14.56
CA PHE B 292 3.74 -4.32 13.39
C PHE B 292 4.77 -5.46 13.47
N GLY B 293 5.90 -5.20 14.13
CA GLY B 293 6.86 -6.27 14.45
C GLY B 293 6.24 -7.33 15.34
N ILE B 294 5.56 -6.91 16.40
CA ILE B 294 4.96 -7.81 17.37
C ILE B 294 3.79 -8.57 16.75
N ALA B 295 2.94 -7.86 16.01
CA ALA B 295 1.83 -8.47 15.29
C ALA B 295 2.33 -9.47 14.25
N GLY B 296 3.40 -9.12 13.54
CA GLY B 296 4.05 -10.06 12.60
C GLY B 296 4.52 -11.36 13.26
N LEU B 297 5.21 -11.24 14.38
CA LEU B 297 5.64 -12.41 15.15
C LEU B 297 4.48 -13.28 15.61
N SER B 298 3.40 -12.64 16.03
CA SER B 298 2.22 -13.39 16.46
C SER B 298 1.60 -14.20 15.33
N LEU B 299 1.49 -13.59 14.15
CA LEU B 299 1.00 -14.31 12.97
C LEU B 299 1.92 -15.50 12.65
N LEU B 300 3.21 -15.34 12.88
CA LEU B 300 4.16 -16.42 12.66
C LEU B 300 4.11 -17.51 13.75
N GLY B 301 3.26 -17.31 14.77
CA GLY B 301 3.06 -18.28 15.85
C GLY B 301 4.02 -18.14 17.02
N GLU B 302 4.21 -16.92 17.51
CA GLU B 302 5.03 -16.70 18.70
C GLU B 302 4.16 -16.87 19.94
N GLU B 303 4.49 -17.87 20.77
CA GLU B 303 3.64 -18.28 21.91
C GLU B 303 3.45 -17.24 23.04
N GLN B 304 4.41 -16.34 23.24
CA GLN B 304 4.30 -15.28 24.28
C GLN B 304 3.38 -14.09 23.88
N ILE B 305 2.89 -14.08 22.64
CA ILE B 305 2.06 -12.97 22.16
C ILE B 305 0.68 -13.52 21.85
N LYS B 306 -0.37 -12.78 22.19
CA LYS B 306 -1.73 -13.21 21.86
C LYS B 306 -1.91 -13.34 20.33
N PRO B 307 -2.75 -14.29 19.89
CA PRO B 307 -3.14 -14.36 18.49
C PRO B 307 -3.77 -13.05 18.03
N VAL B 308 -3.34 -12.58 16.85
CA VAL B 308 -3.78 -11.30 16.29
C VAL B 308 -4.65 -11.53 15.06
N SER B 309 -5.73 -10.75 14.91
CA SER B 309 -6.51 -10.78 13.67
C SER B 309 -5.73 -10.17 12.50
N PRO B 310 -5.57 -10.94 11.38
CA PRO B 310 -4.90 -10.36 10.22
C PRO B 310 -5.74 -9.29 9.53
N VAL B 311 -7.05 -9.29 9.76
CA VAL B 311 -7.94 -8.30 9.17
C VAL B 311 -7.94 -6.97 9.95
N PHE B 312 -8.19 -7.05 11.26
CA PHE B 312 -8.33 -5.84 12.09
C PHE B 312 -7.07 -5.44 12.87
N CYS B 313 -6.01 -6.25 12.83
CA CYS B 313 -4.80 -6.02 13.63
C CYS B 313 -5.20 -5.66 15.07
N MET B 314 -5.94 -6.58 15.69
CA MET B 314 -6.32 -6.48 17.10
C MET B 314 -6.28 -7.91 17.65
N PRO B 315 -6.21 -8.08 18.99
CA PRO B 315 -6.24 -9.46 19.51
C PRO B 315 -7.49 -10.20 19.07
N GLU B 316 -7.35 -11.43 18.58
CA GLU B 316 -8.52 -12.21 18.15
C GLU B 316 -9.58 -12.36 19.24
N GLU B 317 -9.15 -12.43 20.50
CA GLU B 317 -10.10 -12.62 21.62
C GLU B 317 -11.02 -11.41 21.78
N VAL B 318 -10.52 -10.23 21.44
CA VAL B 318 -11.36 -9.04 21.37
C VAL B 318 -12.45 -9.18 20.29
N LEU B 319 -12.06 -9.67 19.12
CA LEU B 319 -12.99 -9.77 17.98
C LEU B 319 -14.01 -10.89 18.19
N GLN B 320 -13.56 -12.00 18.79
CA GLN B 320 -14.47 -13.06 19.20
C GLN B 320 -15.54 -12.50 20.12
N ARG B 321 -15.12 -11.66 21.05
CA ARG B 321 -16.01 -11.07 22.03
C ARG B 321 -17.09 -10.17 21.41
N VAL B 322 -16.78 -9.49 20.30
CA VAL B 322 -17.79 -8.71 19.56
C VAL B 322 -18.43 -9.47 18.39
N ASN B 323 -17.94 -10.69 18.15
CA ASN B 323 -18.51 -11.59 17.15
C ASN B 323 -18.33 -11.10 15.71
N VAL B 324 -17.17 -10.51 15.44
CA VAL B 324 -16.83 -10.01 14.10
C VAL B 324 -15.53 -10.66 13.68
N GLN B 325 -15.66 -11.84 13.07
CA GLN B 325 -14.52 -12.62 12.66
C GLN B 325 -14.77 -13.11 11.24
N PRO B 326 -14.33 -12.33 10.23
CA PRO B 326 -14.54 -12.73 8.84
C PRO B 326 -13.81 -14.03 8.50
N GLU B 327 -14.44 -14.87 7.70
CA GLU B 327 -13.79 -16.10 7.19
C GLU B 327 -12.69 -15.73 6.18
N LEU B 328 -11.54 -16.39 6.30
CA LEU B 328 -10.41 -16.17 5.41
C LEU B 328 -10.36 -17.32 4.41
N VAL B 329 -9.44 -17.27 3.45
CA VAL B 329 -9.42 -18.31 2.40
C VAL B 329 -9.00 -19.66 2.99
N SER B 330 -7.84 -19.73 3.63
CA SER B 330 -7.39 -20.99 4.25
C SER B 330 -6.04 -20.83 4.97
ZN ZN C . 7.85 0.82 7.77
CA CA D . -4.28 1.55 33.68
CAA PZ3 E . 7.87 9.74 9.22
CAB PZ3 E . 7.97 5.37 4.63
OAC PZ3 E . 3.14 6.90 17.00
OAD PZ3 E . -3.81 1.86 6.82
OAE PZ3 E . 1.09 7.74 6.84
OAF PZ3 E . 0.80 7.90 9.28
CAG PZ3 E . 4.33 7.13 16.81
CAH PZ3 E . -4.36 -2.08 11.04
CAI PZ3 E . -5.65 -1.62 11.21
CAJ PZ3 E . -3.58 -1.61 9.98
CAK PZ3 E . -6.17 -0.68 10.32
CAL PZ3 E . -4.11 -0.67 9.08
CAM PZ3 E . 0.02 3.28 8.03
CAN PZ3 E . -0.73 4.67 6.20
CAO PZ3 E . 6.01 7.99 15.12
CAP PZ3 E . -1.30 3.14 8.48
CAQ PZ3 E . -2.05 4.54 6.63
CAR PZ3 E . 4.94 9.52 9.60
CAS PZ3 E . 5.20 9.37 7.21
CAT PZ3 E . 6.36 6.56 11.13
CAU PZ3 E . 3.74 8.83 9.51
CAV PZ3 E . 4.00 8.67 7.12
CAW PZ3 E . 6.26 7.86 13.82
CAX PZ3 E . 6.25 6.16 9.80
CAY PZ3 E . 7.18 3.63 7.65
CAZ PZ3 E . 8.51 3.35 5.99
CBA PZ3 E . 4.00 6.23 11.44
CBB PZ3 E . -5.98 0.81 8.27
CBC PZ3 E . 1.75 4.21 6.41
CBD PZ3 E . 6.02 5.83 7.04
CBE PZ3 E . 2.44 5.46 9.73
CBF PZ3 E . 3.96 4.48 7.53
NBG PZ3 E . 8.10 2.83 7.14
NBH PZ3 E . -5.26 2.06 8.54
OBI PZ3 E . 6.86 10.50 8.54
OBJ PZ3 E . -3.63 3.64 8.18
OBK PZ3 E . 4.51 6.61 14.28
CBL PZ3 E . -4.23 2.47 7.80
CBM PZ3 E . -5.41 -0.22 9.26
CBN PZ3 E . 0.30 4.05 6.90
CBO PZ3 E . 4.95 7.25 15.41
CBP PZ3 E . 5.68 9.80 8.45
CBQ PZ3 E . -2.34 3.77 7.77
CBR PZ3 E . 5.24 6.60 11.96
CBS PZ3 E . 3.27 8.38 8.28
CBT PZ3 E . 3.88 5.83 10.11
CBU PZ3 E . 6.99 4.66 6.83
CBV PZ3 E . 5.36 7.01 13.29
CBW PZ3 E . 5.00 5.79 9.29
CBX PZ3 E . 2.67 5.22 7.19
NBY PZ3 E . 4.98 5.40 8.01
NBZ PZ3 E . 1.98 5.83 8.36
NCA PZ3 E . 7.83 4.47 5.81
SCB PZ3 E . 1.74 7.48 8.18
#